data_1OKW
#
_entry.id   1OKW
#
_cell.length_a   74.544
_cell.length_b   114.051
_cell.length_c   156.182
_cell.angle_alpha   90.00
_cell.angle_beta   90.00
_cell.angle_gamma   90.00
#
_symmetry.space_group_name_H-M   'P 21 21 21'
#
loop_
_entity.id
_entity.type
_entity.pdbx_description
1 polymer 'CELL DIVISION PROTEIN KINASE 2'
2 polymer 'CYCLIN A2'
3 polymer ACE-ARG-ARG-LEU-ASN-FCL-NH2
4 water water
#
loop_
_entity_poly.entity_id
_entity_poly.type
_entity_poly.pdbx_seq_one_letter_code
_entity_poly.pdbx_strand_id
1 'polypeptide(L)'
;MENFQKVEKIGEGTYGVVYKARNKLTGEVVALKKIRLDTETEGVPSTAIREISLLKELNHPNIVKLLDVIHTENKLYLVF
EFLHQDLKKFMDASALTGIPLPLIKSYLFQLLQGLAFCHSHRVLHRDLKPQNLLINTEGAIKLADFGLARAFGVPVRTYT
HEVVTLWYRAPEILLGCKYYSTAVDIWSLGCIFAEMVTRRALFPGDSEIDQLFRIFRTLGTPDEVVWPGVTSMPDYKPSF
PKWARQDFSKVVPPLDEDGRSLLSQMLHYDPNKRISAKAALAHPFFQDVTKPVPHLRL
;
A,C
2 'polypeptide(L)'
;NEVPDYHEDIHTYLREMEVKCKPKVGYMKKQPDITNSMRAILVDWLVEVGEEYKLQNETLHLAVNYIDRFLSSMSVLRGK
LQLVGTAAMLLASKFEEIYPPEVAEFVYITDDTYTKKQVLRMEHLVLKVLTFDLAAPTVNQFLTQYFLHQQPANCKVESL
AMFLGELSLIDADPYLKYLPSVIAGAAFHLALYTVTGQSWPESLIRKTGYTLESLKPCLMDLHQTYLKAPQHAQQSIREK
YKNSKYHGVSLLNPPETLNL
;
B,D
3 'polypeptide(L)' (ACE)RRLN(FCL)(NH2) E,F
#
loop_
_chem_comp.id
_chem_comp.type
_chem_comp.name
_chem_comp.formula
ACE non-polymer 'ACETYL GROUP' 'C2 H4 O'
NH2 non-polymer 'AMINO GROUP' 'H2 N'
#
# COMPACT_ATOMS: atom_id res chain seq x y z
N MET A 1 2.20 6.23 19.85
CA MET A 1 2.75 5.43 20.99
C MET A 1 1.85 5.29 22.20
N GLU A 2 0.70 5.96 22.11
CA GLU A 2 -0.21 6.14 23.21
C GLU A 2 -0.94 4.87 23.57
N ASN A 3 -1.14 4.00 22.58
CA ASN A 3 -1.76 2.70 22.82
C ASN A 3 -0.83 1.62 23.39
N PHE A 4 0.43 1.98 23.64
CA PHE A 4 1.37 1.02 24.16
C PHE A 4 1.69 1.36 25.62
N GLN A 5 1.75 0.32 26.42
CA GLN A 5 2.02 0.44 27.84
C GLN A 5 3.29 -0.37 28.13
N LYS A 6 4.34 0.31 28.57
CA LYS A 6 5.65 -0.31 28.78
C LYS A 6 5.54 -1.20 30.02
N VAL A 7 6.21 -2.34 30.00
CA VAL A 7 6.01 -3.30 31.06
C VAL A 7 7.33 -3.56 31.76
N GLU A 8 8.37 -3.81 30.97
CA GLU A 8 9.73 -3.98 31.50
C GLU A 8 10.73 -3.94 30.34
N LYS A 9 11.95 -3.47 30.62
CA LYS A 9 13.08 -3.73 29.75
C LYS A 9 13.39 -5.24 29.62
N ILE A 10 13.73 -5.69 28.43
CA ILE A 10 14.11 -7.10 28.23
C ILE A 10 15.43 -7.22 27.46
N GLY A 11 16.35 -6.29 27.65
CA GLY A 11 17.66 -6.41 27.04
C GLY A 11 17.90 -5.31 26.02
N GLU A 12 19.12 -5.24 25.50
CA GLU A 12 19.50 -4.17 24.61
C GLU A 12 20.14 -4.80 23.40
N GLY A 13 20.59 -3.95 22.49
CA GLY A 13 21.36 -4.38 21.34
C GLY A 13 21.65 -3.09 20.60
N THR A 14 21.96 -3.19 19.32
CA THR A 14 21.82 -2.04 18.45
C THR A 14 20.39 -1.51 18.55
N TYR A 15 20.28 -0.19 18.73
CA TYR A 15 19.00 0.52 18.80
C TYR A 15 18.78 1.10 20.19
N GLY A 16 18.74 0.19 21.14
CA GLY A 16 18.85 0.56 22.54
C GLY A 16 17.73 -0.12 23.28
N VAL A 17 18.04 -0.56 24.51
CA VAL A 17 17.05 -1.16 25.40
C VAL A 17 15.76 -1.53 24.67
N VAL A 18 15.43 -2.82 24.76
CA VAL A 18 14.19 -3.34 24.23
C VAL A 18 13.25 -3.42 25.41
N TYR A 19 12.07 -2.82 25.24
CA TYR A 19 10.98 -2.91 26.23
C TYR A 19 9.89 -3.92 25.82
N LYS A 20 9.50 -4.77 26.74
CA LYS A 20 8.25 -5.50 26.60
C LYS A 20 7.07 -4.54 26.86
N ALA A 21 6.13 -4.55 25.93
CA ALA A 21 5.03 -3.59 26.03
C ALA A 21 3.73 -4.28 25.68
N ARG A 22 2.63 -3.70 26.12
CA ARG A 22 1.34 -4.21 25.68
C ARG A 22 0.43 -3.20 25.01
N ASN A 23 -0.22 -3.67 23.95
CA ASN A 23 -1.20 -2.87 23.28
C ASN A 23 -2.44 -2.80 24.12
N LYS A 24 -2.72 -1.60 24.60
CA LYS A 24 -3.79 -1.38 25.56
C LYS A 24 -5.16 -1.61 24.93
N LEU A 25 -5.25 -1.55 23.60
CA LEU A 25 -6.53 -1.74 22.91
C LEU A 25 -6.87 -3.17 22.48
N THR A 26 -5.86 -3.94 22.09
CA THR A 26 -6.08 -5.29 21.59
C THR A 26 -5.64 -6.38 22.56
N GLY A 27 -4.86 -6.01 23.58
CA GLY A 27 -4.17 -6.99 24.41
C GLY A 27 -2.81 -7.52 23.97
N GLU A 28 -2.44 -7.29 22.72
CA GLU A 28 -1.21 -7.86 22.15
C GLU A 28 0.03 -7.48 22.94
N VAL A 29 0.89 -8.47 23.23
CA VAL A 29 2.20 -8.19 23.83
C VAL A 29 3.26 -8.14 22.76
N VAL A 30 4.02 -7.04 22.78
CA VAL A 30 5.01 -6.83 21.74
C VAL A 30 6.37 -6.56 22.35
N ALA A 31 7.41 -6.56 21.52
CA ALA A 31 8.70 -5.97 21.86
C ALA A 31 8.83 -4.61 21.20
N LEU A 32 9.16 -3.63 22.01
CA LEU A 32 9.44 -2.27 21.54
C LEU A 32 10.93 -1.96 21.54
N LYS A 33 11.48 -1.73 20.35
CA LYS A 33 12.81 -1.16 20.23
C LYS A 33 12.73 0.34 19.96
N LYS A 34 13.37 1.17 20.78
CA LYS A 34 13.30 2.60 20.50
C LYS A 34 14.66 3.19 20.17
N ILE A 35 14.62 4.12 19.23
CA ILE A 35 15.81 4.79 18.71
C ILE A 35 15.66 6.30 18.87
N ARG A 36 16.64 6.93 19.50
CA ARG A 36 16.53 8.31 19.99
C ARG A 36 17.11 9.23 18.93
N LEU A 37 16.95 8.85 17.67
CA LEU A 37 16.84 9.78 16.55
C LEU A 37 17.05 11.27 16.88
N ASP A 38 18.27 11.61 17.30
CA ASP A 38 18.77 12.99 17.36
C ASP A 38 19.02 13.54 15.96
N THR A 39 18.78 14.83 15.83
CA THR A 39 18.81 15.49 14.54
C THR A 39 20.00 16.45 14.48
N GLU A 40 21.10 16.03 15.09
CA GLU A 40 22.33 16.82 15.15
C GLU A 40 23.54 15.94 14.75
N THR A 41 23.37 14.63 14.81
CA THR A 41 24.50 13.69 14.71
C THR A 41 24.54 13.00 13.35
N GLU A 42 23.84 11.88 13.20
CA GLU A 42 23.98 11.10 11.99
C GLU A 42 22.68 10.68 11.34
N GLY A 43 21.56 11.06 11.95
CA GLY A 43 20.22 10.61 11.60
C GLY A 43 19.87 9.15 11.87
N VAL A 44 18.98 8.63 11.03
CA VAL A 44 18.59 7.24 11.17
C VAL A 44 19.71 6.27 10.92
N PRO A 45 20.01 5.44 11.89
CA PRO A 45 21.13 4.52 11.76
C PRO A 45 20.84 3.48 10.65
N SER A 46 21.90 3.02 9.98
CA SER A 46 21.75 2.12 8.84
C SER A 46 21.30 0.74 9.29
N THR A 47 21.62 0.36 10.53
CA THR A 47 21.13 -0.91 11.03
C THR A 47 19.63 -0.86 11.03
N ALA A 48 19.10 0.25 11.52
CA ALA A 48 17.67 0.44 11.40
C ALA A 48 17.20 0.51 9.95
N ILE A 49 17.97 1.14 9.07
CA ILE A 49 17.51 1.24 7.67
C ILE A 49 17.35 -0.15 7.05
N ARG A 50 18.23 -1.05 7.44
CA ARG A 50 18.38 -2.34 6.77
C ARG A 50 17.40 -3.32 7.35
N GLU A 51 17.31 -3.34 8.68
CA GLU A 51 16.39 -4.21 9.37
C GLU A 51 15.00 -3.85 8.93
N ILE A 52 14.65 -2.58 8.89
CA ILE A 52 13.25 -2.26 8.54
C ILE A 52 12.92 -2.62 7.09
N SER A 53 13.81 -2.34 6.13
CA SER A 53 13.48 -2.57 4.73
C SER A 53 13.56 -4.03 4.36
N LEU A 54 14.54 -4.72 4.91
CA LEU A 54 14.66 -6.17 4.72
C LEU A 54 13.62 -6.99 5.44
N LEU A 55 13.38 -6.71 6.70
CA LEU A 55 12.33 -7.45 7.43
C LEU A 55 10.94 -7.22 6.85
N LYS A 56 10.66 -6.01 6.40
CA LYS A 56 9.36 -5.66 5.80
C LYS A 56 9.07 -6.56 4.58
N GLU A 57 10.10 -7.14 3.99
CA GLU A 57 9.95 -8.01 2.84
C GLU A 57 9.82 -9.49 3.23
N LEU A 58 10.25 -9.87 4.44
CA LEU A 58 10.38 -11.29 4.79
C LEU A 58 9.32 -11.73 5.79
N ASN A 59 8.18 -12.18 5.27
CA ASN A 59 7.12 -12.76 6.07
C ASN A 59 7.26 -14.27 6.05
N HIS A 60 7.58 -14.83 7.19
CA HIS A 60 7.85 -16.27 7.30
C HIS A 60 7.77 -16.65 8.76
N PRO A 61 7.29 -17.85 9.03
CA PRO A 61 7.02 -18.31 10.41
C PRO A 61 8.29 -18.36 11.27
N ASN A 62 9.44 -18.52 10.63
CA ASN A 62 10.71 -18.62 11.34
C ASN A 62 11.61 -17.38 11.21
N ILE A 63 10.99 -16.26 10.90
CA ILE A 63 11.66 -14.94 10.94
C ILE A 63 10.83 -13.96 11.78
N VAL A 64 11.45 -13.31 12.76
CA VAL A 64 10.71 -12.36 13.59
C VAL A 64 9.92 -11.42 12.71
N LYS A 65 8.70 -11.11 13.12
CA LYS A 65 7.80 -10.20 12.43
C LYS A 65 8.05 -8.76 12.87
N LEU A 66 8.19 -7.86 11.90
CA LEU A 66 8.11 -6.42 12.21
C LEU A 66 6.68 -5.93 12.10
N LEU A 67 6.08 -5.50 13.19
CA LEU A 67 4.62 -5.38 13.19
C LEU A 67 4.29 -3.96 12.71
N ASP A 68 5.13 -3.01 13.11
CA ASP A 68 4.80 -1.63 12.91
C ASP A 68 6.04 -0.78 13.05
N VAL A 69 6.07 0.30 12.30
CA VAL A 69 7.05 1.34 12.56
C VAL A 69 6.41 2.67 12.91
N ILE A 70 6.79 3.25 14.03
CA ILE A 70 6.14 4.45 14.53
C ILE A 70 7.09 5.66 14.55
N HIS A 71 6.73 6.64 13.73
CA HIS A 71 7.62 7.71 13.31
C HIS A 71 7.11 8.94 14.06
N THR A 72 7.91 9.48 14.97
CA THR A 72 7.67 10.85 15.37
C THR A 72 8.85 11.70 14.95
N GLU A 73 8.73 12.99 15.22
CA GLU A 73 9.76 13.95 14.88
C GLU A 73 11.11 13.61 15.53
N ASN A 74 11.09 13.26 16.82
CA ASN A 74 12.31 12.95 17.57
C ASN A 74 12.45 11.49 18.01
N LYS A 75 11.49 10.63 17.66
CA LYS A 75 11.68 9.21 17.91
C LYS A 75 11.21 8.23 16.83
N LEU A 76 11.97 7.16 16.67
CA LEU A 76 11.55 6.04 15.82
C LEU A 76 11.27 4.85 16.73
N TYR A 77 10.03 4.36 16.75
CA TYR A 77 9.72 3.13 17.48
C TYR A 77 9.51 1.94 16.54
N LEU A 78 10.14 0.81 16.88
CA LEU A 78 9.93 -0.43 16.12
C LEU A 78 9.23 -1.48 16.98
N VAL A 79 8.21 -2.12 16.42
CA VAL A 79 7.32 -3.01 17.14
C VAL A 79 7.44 -4.37 16.52
N PHE A 80 7.84 -5.38 17.30
CA PHE A 80 8.17 -6.74 16.83
C PHE A 80 7.21 -7.69 17.53
N GLU A 81 6.98 -8.88 16.98
CA GLU A 81 6.38 -9.95 17.77
C GLU A 81 7.29 -10.18 18.96
N PHE A 82 6.70 -10.43 20.11
CA PHE A 82 7.42 -10.73 21.33
C PHE A 82 7.76 -12.22 21.43
N LEU A 83 9.05 -12.51 21.66
CA LEU A 83 9.53 -13.87 21.93
C LEU A 83 10.46 -13.92 23.12
N HIS A 84 10.18 -14.81 24.06
CA HIS A 84 10.48 -14.46 25.43
C HIS A 84 11.95 -14.71 25.77
N GLN A 85 12.67 -15.38 24.88
CA GLN A 85 14.10 -15.53 25.12
C GLN A 85 14.91 -16.08 23.95
N ASP A 86 16.22 -16.02 24.07
CA ASP A 86 17.09 -16.44 22.96
C ASP A 86 17.73 -17.81 23.16
N LEU A 87 18.34 -18.38 22.13
CA LEU A 87 18.99 -19.70 22.26
C LEU A 87 20.15 -19.67 23.26
N LYS A 88 20.87 -18.57 23.31
CA LYS A 88 21.98 -18.40 24.23
C LYS A 88 21.53 -18.55 25.68
N LYS A 89 20.56 -17.74 26.08
CA LYS A 89 20.10 -17.84 27.45
C LYS A 89 19.53 -19.23 27.68
N PHE A 90 18.81 -19.78 26.72
CA PHE A 90 18.29 -21.14 26.85
C PHE A 90 19.41 -22.17 27.02
N MET A 91 20.52 -21.95 26.32
CA MET A 91 21.64 -22.89 26.34
C MET A 91 22.35 -22.86 27.68
N ASP A 92 22.69 -21.67 28.15
CA ASP A 92 23.17 -21.45 29.51
C ASP A 92 22.29 -22.10 30.61
N ALA A 93 20.96 -21.97 30.50
CA ALA A 93 20.01 -22.57 31.46
C ALA A 93 19.77 -24.05 31.23
N SER A 94 20.39 -24.64 30.20
CA SER A 94 20.21 -26.05 29.87
C SER A 94 21.58 -26.72 29.99
N ALA A 95 22.57 -25.91 30.34
CA ALA A 95 23.91 -26.42 30.62
C ALA A 95 23.79 -27.45 31.74
N LEU A 96 24.52 -28.56 31.66
CA LEU A 96 24.43 -29.56 32.73
C LEU A 96 23.64 -30.77 32.25
N THR A 97 22.42 -30.52 31.80
CA THR A 97 21.53 -31.56 31.30
C THR A 97 21.75 -31.68 29.79
N GLY A 98 21.85 -30.53 29.12
CA GLY A 98 21.88 -30.44 27.67
C GLY A 98 20.50 -30.19 27.10
N ILE A 99 20.42 -29.53 25.95
CA ILE A 99 19.20 -29.53 25.15
C ILE A 99 18.97 -30.87 24.50
N PRO A 100 17.76 -31.40 24.66
CA PRO A 100 17.45 -32.74 24.18
C PRO A 100 17.59 -32.80 22.67
N LEU A 101 18.04 -33.94 22.19
CA LEU A 101 18.42 -34.08 20.81
C LEU A 101 17.30 -33.66 19.86
N PRO A 102 16.09 -34.04 20.21
CA PRO A 102 14.94 -33.90 19.30
C PRO A 102 14.47 -32.43 19.17
N LEU A 103 14.90 -31.61 20.12
CA LEU A 103 14.62 -30.17 20.01
C LEU A 103 15.76 -29.50 19.22
N ILE A 104 16.96 -30.06 19.35
CA ILE A 104 18.11 -29.61 18.57
C ILE A 104 17.83 -29.82 17.09
N LYS A 105 17.23 -30.96 16.81
CA LYS A 105 16.83 -31.25 15.45
C LYS A 105 15.70 -30.35 14.92
N SER A 106 14.74 -30.01 15.76
CA SER A 106 13.60 -29.16 15.37
C SER A 106 14.06 -27.73 15.11
N TYR A 107 14.71 -27.12 16.09
CA TYR A 107 15.35 -25.83 15.91
C TYR A 107 16.17 -25.73 14.62
N LEU A 108 17.14 -26.60 14.43
CA LEU A 108 17.95 -26.55 13.21
C LEU A 108 17.09 -26.59 11.96
N PHE A 109 16.02 -27.35 12.02
CA PHE A 109 15.15 -27.56 10.86
C PHE A 109 14.44 -26.24 10.54
N GLN A 110 13.99 -25.61 11.63
CA GLN A 110 13.22 -24.37 11.53
C GLN A 110 14.18 -23.30 11.03
N LEU A 111 15.37 -23.25 11.59
CA LEU A 111 16.31 -22.19 11.27
C LEU A 111 16.72 -22.32 9.79
N LEU A 112 16.74 -23.54 9.27
CA LEU A 112 17.09 -23.78 7.88
C LEU A 112 16.03 -23.30 6.93
N GLN A 113 14.79 -23.49 7.36
CA GLN A 113 13.65 -22.93 6.67
C GLN A 113 13.64 -21.42 6.59
N GLY A 114 13.93 -20.74 7.70
CA GLY A 114 14.04 -19.28 7.69
C GLY A 114 15.21 -18.77 6.86
N LEU A 115 16.39 -19.33 7.11
CA LEU A 115 17.54 -19.02 6.28
C LEU A 115 17.23 -19.21 4.79
N ALA A 116 16.68 -20.36 4.42
CA ALA A 116 16.36 -20.65 3.02
C ALA A 116 15.47 -19.57 2.43
N PHE A 117 14.46 -19.18 3.19
CA PHE A 117 13.57 -18.12 2.74
C PHE A 117 14.37 -16.84 2.50
N CYS A 118 15.28 -16.49 3.42
CA CYS A 118 16.04 -15.26 3.31
C CYS A 118 16.87 -15.33 2.05
N HIS A 119 17.60 -16.42 1.88
CA HIS A 119 18.48 -16.52 0.74
C HIS A 119 17.72 -16.48 -0.61
N SER A 120 16.53 -17.06 -0.66
CA SER A 120 15.75 -17.06 -1.90
C SER A 120 15.06 -15.72 -2.10
N HIS A 121 15.22 -14.80 -1.16
CA HIS A 121 14.85 -13.40 -1.39
C HIS A 121 16.03 -12.45 -1.32
N ARG A 122 17.19 -12.98 -1.70
CA ARG A 122 18.43 -12.25 -1.75
C ARG A 122 18.81 -11.46 -0.50
N VAL A 123 18.58 -12.06 0.66
CA VAL A 123 19.05 -11.49 1.92
C VAL A 123 20.09 -12.36 2.63
N LEU A 124 21.22 -11.77 2.97
CA LEU A 124 22.19 -12.39 3.88
C LEU A 124 21.99 -11.83 5.26
N HIS A 125 22.11 -12.70 6.24
CA HIS A 125 21.91 -12.27 7.61
C HIS A 125 23.25 -11.78 8.12
N ARG A 126 24.28 -12.60 7.91
CA ARG A 126 25.64 -12.20 8.19
C ARG A 126 26.04 -12.24 9.65
N ASP A 127 25.11 -12.20 10.59
CA ASP A 127 25.49 -12.17 12.02
C ASP A 127 24.72 -13.21 12.79
N LEU A 128 24.73 -14.46 12.33
CA LEU A 128 23.93 -15.48 12.99
C LEU A 128 24.67 -15.97 14.22
N LYS A 129 23.96 -16.06 15.34
CA LYS A 129 24.57 -16.55 16.56
C LYS A 129 23.45 -16.69 17.58
N PRO A 130 23.71 -17.41 18.65
CA PRO A 130 22.64 -17.90 19.53
C PRO A 130 21.81 -16.74 20.09
N GLN A 131 22.45 -15.61 20.35
CA GLN A 131 21.75 -14.44 20.88
C GLN A 131 20.73 -13.85 19.90
N ASN A 132 20.99 -14.02 18.61
CA ASN A 132 20.14 -13.55 17.53
C ASN A 132 19.09 -14.58 17.12
N LEU A 133 18.99 -15.66 17.90
CA LEU A 133 17.91 -16.63 17.69
C LEU A 133 16.89 -16.70 18.84
N LEU A 134 15.65 -16.31 18.56
CA LEU A 134 14.60 -16.25 19.57
C LEU A 134 13.67 -17.44 19.56
N ILE A 135 13.36 -17.91 20.76
CA ILE A 135 12.39 -19.00 20.93
C ILE A 135 11.16 -18.57 21.72
N ASN A 136 10.07 -19.29 21.50
CA ASN A 136 8.93 -19.17 22.41
C ASN A 136 8.76 -20.44 23.26
N THR A 137 7.68 -20.48 24.04
CA THR A 137 7.32 -21.65 24.83
C THR A 137 6.47 -22.70 24.12
N GLU A 138 6.28 -22.61 22.82
CA GLU A 138 5.53 -23.65 22.13
C GLU A 138 6.45 -24.35 21.13
N GLY A 139 7.76 -24.11 21.27
CA GLY A 139 8.73 -24.84 20.49
C GLY A 139 9.17 -24.24 19.18
N ALA A 140 8.81 -22.98 18.90
CA ALA A 140 9.22 -22.30 17.68
C ALA A 140 10.53 -21.62 17.96
N ILE A 141 11.35 -21.48 16.92
CA ILE A 141 12.51 -20.60 16.92
C ILE A 141 12.55 -19.77 15.62
N LYS A 142 13.05 -18.54 15.73
CA LYS A 142 12.93 -17.56 14.66
C LYS A 142 14.22 -16.75 14.57
N LEU A 143 14.69 -16.50 13.34
CA LEU A 143 15.83 -15.62 13.10
C LEU A 143 15.40 -14.20 13.51
N ALA A 144 16.27 -13.52 14.21
CA ALA A 144 16.00 -12.15 14.59
C ALA A 144 17.27 -11.32 14.40
N ASP A 145 17.12 -10.02 14.61
CA ASP A 145 18.25 -9.12 14.64
C ASP A 145 18.95 -8.92 13.31
N PHE A 146 18.26 -8.27 12.37
CA PHE A 146 18.76 -8.19 11.01
C PHE A 146 19.46 -6.87 10.75
N GLY A 147 20.01 -6.24 11.77
CA GLY A 147 20.64 -4.93 11.63
C GLY A 147 21.93 -4.97 10.82
N LEU A 148 22.56 -6.13 10.76
CA LEU A 148 23.65 -6.32 9.79
C LEU A 148 23.28 -6.93 8.45
N ALA A 149 22.02 -7.22 8.20
CA ALA A 149 21.75 -8.02 7.02
C ALA A 149 21.84 -7.17 5.76
N ARG A 150 22.10 -7.81 4.63
CA ARG A 150 22.44 -7.12 3.39
C ARG A 150 21.73 -7.73 2.21
N ALA A 151 21.21 -6.87 1.35
CA ALA A 151 20.67 -7.34 0.06
C ALA A 151 21.83 -7.70 -0.84
N PHE A 152 21.73 -8.86 -1.47
CA PHE A 152 22.78 -9.30 -2.36
C PHE A 152 22.37 -9.48 -3.83
N GLY A 153 21.31 -8.80 -4.27
CA GLY A 153 21.13 -8.53 -5.69
C GLY A 153 22.44 -8.27 -6.43
N VAL A 154 23.36 -7.61 -5.74
CA VAL A 154 24.75 -7.53 -6.17
C VAL A 154 25.60 -8.09 -5.03
N PRO A 155 26.77 -8.64 -5.33
CA PRO A 155 27.60 -9.28 -4.32
C PRO A 155 28.00 -8.30 -3.23
N VAL A 156 28.17 -8.82 -2.03
CA VAL A 156 28.29 -7.97 -0.88
C VAL A 156 29.76 -7.98 -0.49
N ARG A 157 30.32 -6.78 -0.44
CA ARG A 157 31.74 -6.51 -0.23
C ARG A 157 32.09 -6.59 1.24
N THR A 158 33.23 -7.19 1.53
CA THR A 158 33.53 -7.66 2.87
C THR A 158 34.08 -6.52 3.66
N TYR A 159 33.78 -6.54 4.95
CA TYR A 159 34.22 -5.49 5.87
C TYR A 159 35.72 -5.73 6.05
N THR A 160 36.52 -4.90 5.40
CA THR A 160 37.93 -4.80 5.72
C THR A 160 38.25 -5.49 7.07
N HIS A 161 37.85 -4.88 8.18
CA HIS A 161 37.86 -5.56 9.48
C HIS A 161 36.47 -5.45 10.12
N GLU A 162 35.72 -6.56 10.16
CA GLU A 162 34.28 -6.48 10.41
C GLU A 162 34.02 -6.49 11.90
N VAL A 163 33.13 -5.61 12.32
CA VAL A 163 32.51 -5.70 13.63
C VAL A 163 31.39 -6.76 13.56
N VAL A 164 31.79 -8.04 13.54
CA VAL A 164 30.90 -9.17 13.80
C VAL A 164 31.62 -10.19 14.65
N THR A 165 30.85 -10.99 15.39
CA THR A 165 31.43 -11.85 16.40
C THR A 165 32.37 -12.77 15.64
N LEU A 166 33.23 -13.44 16.40
CA LEU A 166 34.36 -14.14 15.83
C LEU A 166 34.05 -15.63 15.71
N TRP A 167 33.28 -16.12 16.68
CA TRP A 167 33.18 -17.54 16.89
C TRP A 167 32.48 -18.24 15.71
N TYR A 168 31.71 -17.50 14.94
CA TYR A 168 30.80 -18.09 13.97
C TYR A 168 31.21 -17.65 12.58
N ARG A 169 32.43 -17.17 12.46
CA ARG A 169 32.85 -16.57 11.18
C ARG A 169 33.44 -17.64 10.28
N ALA A 170 33.15 -17.58 8.99
CA ALA A 170 33.56 -18.66 8.10
C ALA A 170 35.04 -18.49 7.79
N PRO A 171 35.72 -19.56 7.40
CA PRO A 171 37.16 -19.48 7.18
C PRO A 171 37.43 -18.75 5.88
N GLU A 172 36.48 -18.68 4.95
CA GLU A 172 36.72 -17.84 3.79
C GLU A 172 36.78 -16.36 4.17
N ILE A 173 36.18 -16.02 5.29
CA ILE A 173 36.19 -14.61 5.63
C ILE A 173 37.46 -14.29 6.39
N LEU A 174 37.88 -15.20 7.26
CA LEU A 174 39.13 -15.08 7.99
C LEU A 174 40.30 -15.01 7.02
N LEU A 175 40.19 -15.65 5.88
CA LEU A 175 41.25 -15.64 4.89
C LEU A 175 41.21 -14.43 3.96
N GLY A 176 40.32 -13.50 4.24
CA GLY A 176 40.39 -12.21 3.56
C GLY A 176 39.81 -12.25 2.17
N CYS A 177 38.94 -13.21 1.93
CA CYS A 177 37.97 -13.06 0.87
C CYS A 177 37.23 -11.69 0.75
N LYS A 178 36.79 -11.38 -0.46
CA LYS A 178 36.38 -10.06 -0.86
C LYS A 178 34.85 -9.94 -0.87
N TYR A 179 34.16 -11.06 -1.04
CA TYR A 179 32.70 -11.07 -1.06
C TYR A 179 32.19 -12.07 -0.02
N TYR A 180 30.97 -11.84 0.41
CA TYR A 180 30.27 -12.84 1.18
C TYR A 180 29.47 -13.65 0.21
N SER A 181 29.18 -14.89 0.60
CA SER A 181 28.12 -15.64 -0.04
C SER A 181 27.15 -16.17 1.02
N THR A 182 26.10 -16.86 0.57
CA THR A 182 25.16 -17.44 1.53
C THR A 182 25.83 -18.51 2.37
N ALA A 183 27.01 -18.92 1.96
CA ALA A 183 27.72 -19.98 2.65
C ALA A 183 28.14 -19.53 4.06
N VAL A 184 28.38 -18.24 4.30
CA VAL A 184 28.72 -17.79 5.66
C VAL A 184 27.58 -18.07 6.62
N ASP A 185 26.37 -17.90 6.12
CA ASP A 185 25.21 -18.14 6.97
C ASP A 185 25.17 -19.64 7.33
N ILE A 186 25.57 -20.50 6.38
CA ILE A 186 25.45 -21.93 6.65
C ILE A 186 26.51 -22.32 7.68
N TRP A 187 27.72 -21.82 7.45
CA TRP A 187 28.81 -22.07 8.39
C TRP A 187 28.43 -21.68 9.81
N SER A 188 27.85 -20.50 10.02
CA SER A 188 27.39 -20.09 11.36
C SER A 188 26.39 -21.11 11.90
N LEU A 189 25.40 -21.46 11.09
CA LEU A 189 24.38 -22.41 11.52
C LEU A 189 25.01 -23.72 11.96
N GLY A 190 25.98 -24.16 11.17
CA GLY A 190 26.77 -25.34 11.52
C GLY A 190 27.35 -25.26 12.91
N CYS A 191 27.86 -24.09 13.27
CA CYS A 191 28.54 -23.94 14.54
C CYS A 191 27.54 -23.97 15.68
N ILE A 192 26.44 -23.28 15.49
CA ILE A 192 25.34 -23.29 16.44
C ILE A 192 24.84 -24.73 16.69
N PHE A 193 24.70 -25.50 15.62
CA PHE A 193 24.24 -26.88 15.68
C PHE A 193 25.18 -27.66 16.63
N ALA A 194 26.46 -27.65 16.29
CA ALA A 194 27.49 -28.21 17.16
C ALA A 194 27.32 -27.72 18.60
N GLU A 195 27.20 -26.41 18.78
CA GLU A 195 27.24 -25.79 20.11
C GLU A 195 26.07 -26.37 20.94
N MET A 196 24.88 -26.50 20.34
CA MET A 196 23.72 -27.10 21.01
C MET A 196 24.04 -28.51 21.43
N VAL A 197 24.85 -29.19 20.63
CA VAL A 197 25.04 -30.63 20.82
C VAL A 197 26.06 -30.85 21.93
N THR A 198 27.18 -30.11 21.85
CA THR A 198 28.24 -30.20 22.86
C THR A 198 28.08 -29.22 24.04
N ARG A 199 27.12 -28.31 23.97
CA ARG A 199 26.95 -27.39 25.09
C ARG A 199 28.11 -26.41 25.17
N ARG A 200 28.99 -26.40 24.18
CA ARG A 200 30.00 -25.36 24.13
C ARG A 200 30.36 -24.96 22.71
N ALA A 201 30.74 -23.70 22.56
CA ALA A 201 31.13 -23.16 21.26
C ALA A 201 32.11 -24.09 20.53
N LEU A 202 31.92 -24.24 19.22
CA LEU A 202 32.74 -25.17 18.44
C LEU A 202 34.13 -24.59 18.34
N PHE A 203 34.20 -23.28 18.12
CA PHE A 203 35.42 -22.61 17.72
C PHE A 203 35.62 -21.26 18.42
N PRO A 204 35.92 -21.26 19.72
CA PRO A 204 35.96 -20.04 20.53
C PRO A 204 37.29 -19.30 20.53
N GLY A 205 37.62 -18.60 19.45
CA GLY A 205 38.95 -18.03 19.34
C GLY A 205 39.12 -16.59 19.81
N ASP A 206 40.35 -16.27 20.24
CA ASP A 206 40.60 -14.99 20.86
C ASP A 206 41.26 -13.97 19.94
N SER A 207 41.44 -14.29 18.66
CA SER A 207 41.64 -13.27 17.64
C SER A 207 41.55 -13.96 16.30
N GLU A 208 41.40 -13.19 15.23
CA GLU A 208 41.37 -13.76 13.90
C GLU A 208 42.28 -15.01 13.76
N ILE A 209 43.59 -14.88 13.94
CA ILE A 209 44.46 -16.00 13.65
C ILE A 209 44.18 -17.16 14.61
N ASP A 210 43.92 -16.87 15.88
CA ASP A 210 43.61 -18.00 16.76
C ASP A 210 42.32 -18.74 16.34
N GLN A 211 41.47 -18.05 15.57
CA GLN A 211 40.15 -18.56 15.17
C GLN A 211 40.32 -19.58 14.04
N LEU A 212 41.08 -19.19 13.02
CA LEU A 212 41.54 -20.12 11.99
C LEU A 212 42.17 -21.33 12.60
N PHE A 213 43.14 -21.10 13.48
CA PHE A 213 43.90 -22.26 13.90
C PHE A 213 43.01 -23.19 14.67
N ARG A 214 42.08 -22.67 15.47
CA ARG A 214 41.10 -23.56 16.11
C ARG A 214 40.23 -24.36 15.10
N ILE A 215 39.81 -23.73 14.01
CA ILE A 215 39.13 -24.43 12.93
C ILE A 215 40.02 -25.50 12.33
N PHE A 216 41.24 -25.13 11.90
CA PHE A 216 42.22 -26.08 11.38
C PHE A 216 42.54 -27.20 12.38
N ARG A 217 42.69 -26.88 13.66
CA ARG A 217 42.93 -27.92 14.66
C ARG A 217 41.85 -29.01 14.59
N THR A 218 40.63 -28.63 14.24
CA THR A 218 39.55 -29.60 14.18
C THR A 218 39.29 -30.25 12.82
N LEU A 219 39.10 -29.45 11.79
CA LEU A 219 38.76 -30.01 10.47
C LEU A 219 40.01 -30.26 9.64
N GLY A 220 41.16 -29.83 10.15
CA GLY A 220 42.41 -29.99 9.44
C GLY A 220 42.75 -28.89 8.46
N THR A 221 44.02 -28.81 8.14
CA THR A 221 44.53 -27.67 7.39
C THR A 221 44.17 -27.80 5.91
N PRO A 222 43.43 -26.83 5.38
CA PRO A 222 43.00 -26.88 3.99
C PRO A 222 44.21 -26.82 3.06
N ASP A 223 44.07 -27.49 1.93
CA ASP A 223 45.03 -27.32 0.86
C ASP A 223 44.25 -27.29 -0.44
N GLU A 224 44.98 -27.29 -1.55
CA GLU A 224 44.36 -27.05 -2.85
C GLU A 224 43.46 -28.19 -3.29
N VAL A 225 43.49 -29.30 -2.56
CA VAL A 225 42.65 -30.41 -2.96
C VAL A 225 41.30 -30.26 -2.30
N VAL A 226 41.28 -30.07 -0.99
CA VAL A 226 40.04 -29.74 -0.28
C VAL A 226 39.40 -28.43 -0.79
N TRP A 227 40.24 -27.48 -1.19
CA TRP A 227 39.76 -26.10 -1.38
C TRP A 227 40.57 -25.34 -2.43
N PRO A 228 40.23 -25.62 -3.68
CA PRO A 228 40.87 -24.96 -4.81
C PRO A 228 40.93 -23.44 -4.64
N GLY A 229 42.12 -22.89 -4.41
CA GLY A 229 42.30 -21.45 -4.33
C GLY A 229 42.93 -20.98 -3.03
N VAL A 230 42.81 -21.75 -1.95
CA VAL A 230 43.14 -21.27 -0.62
C VAL A 230 44.51 -20.60 -0.60
N THR A 231 45.51 -21.28 -1.14
CA THR A 231 46.88 -20.75 -1.12
C THR A 231 47.01 -19.38 -1.79
N SER A 232 46.09 -19.09 -2.72
CA SER A 232 46.01 -17.78 -3.35
C SER A 232 45.14 -16.77 -2.56
N MET A 233 44.71 -17.11 -1.36
CA MET A 233 43.88 -16.17 -0.63
C MET A 233 44.70 -15.15 0.15
N PRO A 234 44.29 -13.88 0.00
CA PRO A 234 44.98 -12.75 0.63
C PRO A 234 45.64 -13.05 1.96
N ASP A 235 44.97 -13.76 2.85
CA ASP A 235 45.46 -13.86 4.22
C ASP A 235 46.15 -15.20 4.55
N TYR A 236 46.20 -16.08 3.54
CA TYR A 236 46.79 -17.43 3.67
C TYR A 236 48.31 -17.44 3.53
N LYS A 237 48.95 -18.37 4.24
CA LYS A 237 50.37 -18.32 4.53
C LYS A 237 50.93 -19.75 4.47
N PRO A 238 52.04 -19.92 3.75
CA PRO A 238 52.68 -21.23 3.62
C PRO A 238 53.01 -21.80 4.99
N SER A 239 53.20 -20.91 5.96
CA SER A 239 53.71 -21.28 7.27
C SER A 239 52.64 -21.81 8.21
N PHE A 240 51.39 -21.89 7.73
CA PHE A 240 50.29 -22.33 8.58
C PHE A 240 50.60 -23.74 9.01
N PRO A 241 50.63 -24.01 10.31
CA PRO A 241 50.94 -25.37 10.80
C PRO A 241 50.00 -26.30 10.08
N LYS A 242 50.42 -27.55 9.84
CA LYS A 242 49.66 -28.50 9.03
C LYS A 242 49.08 -29.56 9.97
N TRP A 243 47.80 -29.41 10.28
CA TRP A 243 47.10 -30.35 11.14
C TRP A 243 46.27 -31.30 10.27
N ALA A 244 45.79 -32.40 10.85
CA ALA A 244 45.07 -33.42 10.07
C ALA A 244 43.61 -33.46 10.49
N ARG A 245 42.74 -33.96 9.62
CA ARG A 245 41.31 -33.87 9.88
C ARG A 245 40.87 -34.87 10.94
N GLN A 246 40.80 -34.43 12.19
CA GLN A 246 40.33 -35.29 13.27
C GLN A 246 38.85 -35.60 13.12
N ASP A 247 38.44 -36.76 13.64
CA ASP A 247 37.19 -37.37 13.20
C ASP A 247 36.03 -36.79 13.99
N PHE A 248 34.88 -36.72 13.32
CA PHE A 248 33.76 -35.94 13.81
C PHE A 248 33.19 -36.62 15.05
N SER A 249 33.45 -37.92 15.13
CA SER A 249 32.95 -38.75 16.22
C SER A 249 33.47 -38.26 17.57
N LYS A 250 34.64 -37.64 17.55
CA LYS A 250 35.22 -37.06 18.76
C LYS A 250 34.95 -35.56 18.88
N VAL A 251 34.57 -34.93 17.76
CA VAL A 251 34.10 -33.54 17.74
C VAL A 251 32.67 -33.38 18.26
N VAL A 252 31.73 -34.15 17.68
CA VAL A 252 30.37 -34.22 18.19
C VAL A 252 29.89 -35.63 18.57
N PRO A 253 30.30 -36.12 19.74
CA PRO A 253 30.07 -37.52 20.11
C PRO A 253 28.59 -37.94 20.18
N PRO A 254 27.71 -37.18 20.82
CA PRO A 254 26.31 -37.60 20.99
C PRO A 254 25.53 -37.70 19.70
N LEU A 255 26.11 -37.34 18.58
CA LEU A 255 25.32 -37.26 17.35
C LEU A 255 25.37 -38.63 16.65
N ASP A 256 24.29 -39.03 15.99
CA ASP A 256 24.32 -40.22 15.11
C ASP A 256 24.95 -39.90 13.75
N GLU A 257 24.94 -40.83 12.81
CA GLU A 257 25.79 -40.71 11.62
C GLU A 257 25.16 -39.78 10.58
N ASP A 258 23.87 -39.53 10.74
CA ASP A 258 23.15 -38.64 9.82
C ASP A 258 23.41 -37.18 10.23
N GLY A 259 23.48 -36.97 11.54
CA GLY A 259 23.89 -35.71 12.14
C GLY A 259 25.28 -35.32 11.69
N ARG A 260 26.22 -36.24 11.91
CA ARG A 260 27.62 -35.99 11.58
C ARG A 260 27.73 -35.73 10.07
N SER A 261 26.90 -36.41 9.30
CA SER A 261 26.96 -36.17 7.88
C SER A 261 26.57 -34.74 7.59
N LEU A 262 25.48 -34.26 8.21
CA LEU A 262 24.96 -32.93 7.89
C LEU A 262 25.90 -31.86 8.43
N LEU A 263 26.38 -32.02 9.65
CA LEU A 263 27.25 -31.01 10.23
C LEU A 263 28.40 -30.80 9.26
N SER A 264 28.84 -31.90 8.68
CA SER A 264 30.16 -31.90 8.06
C SER A 264 30.02 -31.30 6.67
N GLN A 265 28.80 -31.31 6.15
CA GLN A 265 28.56 -30.67 4.87
C GLN A 265 28.33 -29.16 5.09
N MET A 266 27.75 -28.83 6.22
CA MET A 266 27.58 -27.44 6.62
C MET A 266 28.94 -26.84 6.91
N LEU A 267 29.92 -27.66 7.35
CA LEU A 267 31.26 -27.19 7.67
C LEU A 267 32.34 -27.37 6.61
N HIS A 268 31.93 -27.59 5.37
CA HIS A 268 32.86 -27.73 4.25
C HIS A 268 33.65 -26.41 4.12
N TYR A 269 34.96 -26.56 3.96
CA TYR A 269 35.85 -25.44 3.77
C TYR A 269 35.53 -24.60 2.54
N ASP A 270 35.23 -25.25 1.41
CA ASP A 270 35.05 -24.54 0.15
C ASP A 270 33.62 -24.03 -0.03
N PRO A 271 33.49 -22.72 -0.03
CA PRO A 271 32.18 -22.06 -0.04
C PRO A 271 31.28 -22.59 -1.14
N ASN A 272 31.87 -22.90 -2.30
CA ASN A 272 31.10 -23.49 -3.40
C ASN A 272 30.57 -24.88 -3.19
N LYS A 273 31.17 -25.67 -2.30
CA LYS A 273 30.63 -26.99 -1.99
C LYS A 273 29.81 -27.06 -0.71
N ARG A 274 29.82 -26.00 0.10
CA ARG A 274 29.12 -26.05 1.37
C ARG A 274 27.64 -26.20 1.01
N ILE A 275 26.90 -26.97 1.80
CA ILE A 275 25.54 -27.30 1.45
C ILE A 275 24.67 -26.07 1.67
N SER A 276 23.77 -25.80 0.74
CA SER A 276 22.82 -24.72 0.92
C SER A 276 21.72 -25.02 1.92
N ALA A 277 20.94 -24.00 2.25
CA ALA A 277 19.86 -24.23 3.20
C ALA A 277 18.81 -25.09 2.55
N LYS A 278 18.41 -24.73 1.35
CA LYS A 278 17.51 -25.55 0.53
C LYS A 278 17.85 -27.06 0.55
N ALA A 279 19.11 -27.40 0.25
CA ALA A 279 19.50 -28.80 0.23
C ALA A 279 19.46 -29.42 1.62
N ALA A 280 20.03 -28.75 2.61
CA ALA A 280 20.09 -29.30 3.96
C ALA A 280 18.70 -29.74 4.44
N LEU A 281 17.67 -29.02 4.01
CA LEU A 281 16.33 -29.46 4.39
C LEU A 281 15.97 -30.87 3.85
N ALA A 282 16.59 -31.30 2.75
CA ALA A 282 16.35 -32.64 2.17
C ALA A 282 17.05 -33.76 2.95
N HIS A 283 17.97 -33.43 3.82
CA HIS A 283 18.82 -34.43 4.42
C HIS A 283 18.01 -35.39 5.31
N PRO A 284 18.35 -36.67 5.19
CA PRO A 284 17.77 -37.74 6.01
C PRO A 284 17.89 -37.47 7.49
N PHE A 285 18.76 -36.56 7.92
CA PHE A 285 18.76 -36.21 9.35
C PHE A 285 17.37 -35.79 9.84
N PHE A 286 16.53 -35.27 8.94
CA PHE A 286 15.29 -34.62 9.37
C PHE A 286 14.07 -35.48 9.13
N GLN A 287 14.28 -36.76 8.88
CA GLN A 287 13.16 -37.62 8.52
C GLN A 287 12.23 -37.86 9.70
N ASP A 288 12.80 -37.95 10.91
CA ASP A 288 12.02 -38.03 12.15
C ASP A 288 11.92 -36.74 12.96
N VAL A 289 11.98 -35.59 12.29
CA VAL A 289 11.78 -34.31 12.97
C VAL A 289 10.35 -34.18 13.53
N THR A 290 10.28 -33.77 14.78
CA THR A 290 9.03 -33.30 15.41
C THR A 290 9.15 -31.85 15.92
N LYS A 291 8.15 -31.44 16.70
CA LYS A 291 8.11 -30.11 17.30
C LYS A 291 7.82 -30.18 18.79
N PRO A 292 8.79 -30.68 19.56
CA PRO A 292 8.67 -30.69 21.03
C PRO A 292 8.79 -29.28 21.61
N VAL A 293 8.50 -29.16 22.88
CA VAL A 293 8.45 -27.86 23.50
C VAL A 293 9.49 -27.86 24.60
N PRO A 294 10.24 -26.78 24.66
CA PRO A 294 11.33 -26.63 25.62
C PRO A 294 10.79 -26.58 27.06
N HIS A 295 11.50 -27.16 28.01
CA HIS A 295 11.21 -26.83 29.40
C HIS A 295 12.11 -25.70 29.90
N LEU A 296 11.57 -24.48 29.90
CA LEU A 296 12.39 -23.25 29.98
C LEU A 296 12.99 -23.08 31.38
N VAL B 3 27.78 -21.54 -8.58
CA VAL B 3 26.40 -21.39 -9.13
C VAL B 3 25.37 -21.59 -8.02
N PRO B 4 24.58 -20.54 -7.80
CA PRO B 4 23.50 -20.55 -6.80
C PRO B 4 22.43 -21.63 -6.98
N ASP B 5 21.88 -22.13 -5.86
CA ASP B 5 20.53 -22.73 -5.83
C ASP B 5 19.37 -21.78 -6.15
N TYR B 6 19.65 -20.48 -6.22
CA TYR B 6 18.61 -19.45 -6.13
C TYR B 6 18.85 -18.27 -7.07
N HIS B 7 19.94 -18.29 -7.83
CA HIS B 7 20.03 -17.45 -9.03
C HIS B 7 18.58 -17.31 -9.46
N GLU B 8 17.99 -18.46 -9.78
CA GLU B 8 16.67 -18.53 -10.37
C GLU B 8 15.63 -17.87 -9.46
N ASP B 9 15.64 -18.25 -8.18
CA ASP B 9 14.68 -17.71 -7.21
C ASP B 9 14.88 -16.18 -7.07
N ILE B 10 16.14 -15.76 -6.93
CA ILE B 10 16.50 -14.33 -6.87
C ILE B 10 16.06 -13.57 -8.12
N HIS B 11 16.57 -13.95 -9.28
CA HIS B 11 16.10 -13.35 -10.52
C HIS B 11 14.58 -13.28 -10.55
N THR B 12 13.91 -14.35 -10.12
CA THR B 12 12.47 -14.41 -10.29
C THR B 12 11.88 -13.35 -9.41
N TYR B 13 12.51 -13.23 -8.24
CA TYR B 13 11.96 -12.42 -7.16
C TYR B 13 12.28 -10.97 -7.50
N LEU B 14 13.47 -10.72 -8.02
CA LEU B 14 13.82 -9.38 -8.50
C LEU B 14 12.85 -8.90 -9.58
N ARG B 15 12.38 -9.80 -10.42
CA ARG B 15 11.40 -9.44 -11.42
C ARG B 15 10.07 -9.14 -10.80
N GLU B 16 9.73 -9.80 -9.71
CA GLU B 16 8.51 -9.42 -8.98
C GLU B 16 8.64 -8.00 -8.39
N MET B 17 9.80 -7.71 -7.80
CA MET B 17 9.96 -6.49 -7.03
C MET B 17 10.08 -5.27 -7.90
N GLU B 18 10.69 -5.39 -9.07
CA GLU B 18 10.82 -4.21 -9.94
C GLU B 18 9.46 -3.71 -10.40
N VAL B 19 8.50 -4.59 -10.61
CA VAL B 19 7.20 -4.09 -11.02
C VAL B 19 6.61 -3.21 -9.92
N LYS B 20 6.90 -3.58 -8.67
CA LYS B 20 6.31 -2.89 -7.52
C LYS B 20 7.03 -1.60 -7.15
N CYS B 21 8.32 -1.53 -7.45
CA CYS B 21 9.17 -0.42 -7.06
C CYS B 21 9.32 0.58 -8.23
N LYS B 22 8.36 0.54 -9.15
CA LYS B 22 8.37 1.41 -10.32
C LYS B 22 7.88 2.81 -9.95
N PRO B 23 8.60 3.83 -10.38
CA PRO B 23 8.11 5.20 -10.34
C PRO B 23 7.01 5.39 -11.38
N LYS B 24 6.07 6.30 -11.14
CA LYS B 24 5.14 6.68 -12.19
C LYS B 24 5.81 7.19 -13.47
N VAL B 25 5.24 6.84 -14.62
CA VAL B 25 5.78 7.20 -15.93
C VAL B 25 5.76 8.71 -16.20
N GLY B 26 4.65 9.33 -15.83
CA GLY B 26 4.32 10.67 -16.30
C GLY B 26 4.63 11.72 -15.24
N TYR B 27 5.05 11.29 -14.05
CA TYR B 27 5.32 12.21 -12.94
C TYR B 27 5.92 13.57 -13.29
N MET B 28 6.95 13.63 -14.15
CA MET B 28 7.61 14.93 -14.36
C MET B 28 6.70 16.01 -15.00
N LYS B 29 5.75 15.59 -15.82
CA LYS B 29 4.77 16.51 -16.42
C LYS B 29 3.81 17.06 -15.38
N LYS B 30 3.64 16.33 -14.27
CA LYS B 30 2.78 16.81 -13.19
C LYS B 30 3.52 17.68 -12.14
N GLN B 31 4.85 17.83 -12.28
CA GLN B 31 5.59 18.77 -11.46
C GLN B 31 5.62 20.20 -12.03
N PRO B 32 5.08 21.13 -11.25
CA PRO B 32 4.93 22.53 -11.69
C PRO B 32 6.28 23.18 -11.97
N ASP B 33 7.27 22.83 -11.16
CA ASP B 33 8.46 23.64 -11.12
C ASP B 33 9.70 22.93 -11.58
N ILE B 34 9.66 21.60 -11.72
CA ILE B 34 10.85 20.94 -12.21
C ILE B 34 10.65 20.21 -13.53
N THR B 35 11.80 19.95 -14.16
CA THR B 35 11.91 19.56 -15.55
C THR B 35 12.87 18.37 -15.68
N ASN B 36 12.68 17.59 -16.74
CA ASN B 36 13.58 16.46 -17.03
C ASN B 36 15.03 16.89 -17.13
N SER B 37 15.24 18.08 -17.66
CA SER B 37 16.59 18.68 -17.75
C SER B 37 17.24 19.03 -16.41
N MET B 38 16.44 19.42 -15.40
CA MET B 38 16.94 19.59 -14.04
C MET B 38 17.23 18.23 -13.42
N ARG B 39 16.35 17.25 -13.59
CA ARG B 39 16.61 15.90 -13.06
C ARG B 39 17.96 15.40 -13.59
N ALA B 40 18.18 15.66 -14.87
CA ALA B 40 19.44 15.29 -15.50
C ALA B 40 20.64 15.98 -14.90
N ILE B 41 20.55 17.29 -14.67
CA ILE B 41 21.63 17.97 -13.96
C ILE B 41 21.84 17.35 -12.60
N LEU B 42 20.74 17.04 -11.92
CA LEU B 42 20.83 16.45 -10.57
C LEU B 42 21.53 15.11 -10.55
N VAL B 43 21.17 14.20 -11.46
CA VAL B 43 21.73 12.85 -11.43
C VAL B 43 23.19 12.86 -11.88
N ASP B 44 23.47 13.77 -12.82
CA ASP B 44 24.83 13.83 -13.36
C ASP B 44 25.72 14.23 -12.20
N TRP B 45 25.23 15.17 -11.39
CA TRP B 45 25.98 15.62 -10.20
C TRP B 45 26.18 14.47 -9.21
N LEU B 46 25.15 13.65 -9.07
CA LEU B 46 25.26 12.50 -8.19
C LEU B 46 26.34 11.54 -8.65
N VAL B 47 26.63 11.50 -9.94
CA VAL B 47 27.73 10.65 -10.41
C VAL B 47 29.05 11.18 -9.90
N GLU B 48 29.21 12.51 -9.95
CA GLU B 48 30.42 13.12 -9.44
C GLU B 48 30.60 12.89 -7.94
N VAL B 49 29.52 13.03 -7.18
CA VAL B 49 29.57 12.76 -5.75
C VAL B 49 30.01 11.32 -5.50
N GLY B 50 29.44 10.38 -6.27
CA GLY B 50 29.85 8.99 -6.21
C GLY B 50 31.34 8.80 -6.40
N GLU B 51 31.90 9.39 -7.45
CA GLU B 51 33.35 9.33 -7.68
C GLU B 51 34.14 9.98 -6.57
N GLU B 52 33.77 11.18 -6.18
CA GLU B 52 34.52 11.90 -5.16
C GLU B 52 34.60 11.19 -3.80
N TYR B 53 33.59 10.40 -3.45
CA TYR B 53 33.57 9.67 -2.17
C TYR B 53 33.84 8.16 -2.38
N LYS B 54 34.06 7.78 -3.64
CA LYS B 54 34.35 6.42 -4.04
C LYS B 54 33.24 5.48 -3.59
N LEU B 55 32.03 5.81 -3.99
CA LEU B 55 30.87 5.01 -3.64
C LEU B 55 30.68 4.00 -4.75
N GLN B 56 29.92 2.97 -4.45
CA GLN B 56 29.68 1.90 -5.39
C GLN B 56 28.63 2.36 -6.36
N ASN B 57 28.64 1.71 -7.52
CA ASN B 57 27.73 2.10 -8.58
C ASN B 57 26.30 1.84 -8.13
N GLU B 58 26.10 0.79 -7.35
CA GLU B 58 24.77 0.43 -6.85
C GLU B 58 24.12 1.53 -5.99
N THR B 59 24.93 2.21 -5.19
CA THR B 59 24.41 3.32 -4.41
C THR B 59 23.82 4.37 -5.30
N LEU B 60 24.57 4.75 -6.33
CA LEU B 60 24.09 5.67 -7.36
C LEU B 60 22.74 5.25 -7.94
N HIS B 61 22.61 3.98 -8.25
CA HIS B 61 21.39 3.51 -8.86
C HIS B 61 20.25 3.51 -7.84
N LEU B 62 20.54 3.00 -6.66
CA LEU B 62 19.59 3.10 -5.57
C LEU B 62 19.10 4.52 -5.34
N ALA B 63 20.03 5.49 -5.27
CA ALA B 63 19.64 6.89 -5.05
C ALA B 63 18.69 7.45 -6.10
N VAL B 64 18.93 7.16 -7.38
CA VAL B 64 18.03 7.62 -8.43
C VAL B 64 16.64 7.00 -8.33
N ASN B 65 16.56 5.71 -8.07
CA ASN B 65 15.26 5.12 -7.71
C ASN B 65 14.46 5.88 -6.62
N TYR B 66 15.12 6.16 -5.50
CA TYR B 66 14.46 6.87 -4.41
C TYR B 66 13.91 8.22 -4.87
N ILE B 67 14.76 8.95 -5.58
CA ILE B 67 14.42 10.27 -6.10
C ILE B 67 13.19 10.18 -6.94
N ASP B 68 13.19 9.24 -7.89
CA ASP B 68 12.09 9.20 -8.85
C ASP B 68 10.77 8.76 -8.20
N ARG B 69 10.84 7.86 -7.24
CA ARG B 69 9.64 7.47 -6.53
C ARG B 69 9.16 8.63 -5.68
N PHE B 70 10.09 9.29 -4.98
CA PHE B 70 9.74 10.50 -4.23
C PHE B 70 9.04 11.54 -5.09
N LEU B 71 9.69 11.94 -6.17
CA LEU B 71 9.13 12.92 -7.08
C LEU B 71 7.81 12.47 -7.69
N SER B 72 7.42 11.22 -7.45
CA SER B 72 6.19 10.72 -8.03
C SER B 72 5.01 10.91 -7.11
N SER B 73 5.24 11.17 -5.83
CA SER B 73 4.13 11.63 -4.98
C SER B 73 4.26 13.04 -4.33
N MET B 74 5.44 13.67 -4.34
CA MET B 74 5.63 14.99 -3.77
C MET B 74 6.09 16.05 -4.79
N SER B 75 5.30 17.11 -4.95
CA SER B 75 5.72 18.33 -5.64
C SER B 75 6.93 18.93 -4.98
N VAL B 76 7.91 19.33 -5.79
CA VAL B 76 9.14 19.88 -5.26
C VAL B 76 9.42 21.15 -6.05
N LEU B 77 10.09 22.07 -5.38
CA LEU B 77 10.42 23.39 -5.90
C LEU B 77 11.89 23.34 -6.35
N ARG B 78 12.25 24.05 -7.44
CA ARG B 78 13.60 23.98 -7.97
C ARG B 78 14.59 23.93 -6.81
N GLY B 79 14.36 24.82 -5.85
CA GLY B 79 15.36 25.12 -4.82
C GLY B 79 15.48 24.03 -3.78
N LYS B 80 14.61 23.04 -3.84
CA LYS B 80 14.70 21.92 -2.93
C LYS B 80 15.19 20.64 -3.59
N LEU B 81 15.15 20.57 -4.91
CA LEU B 81 15.51 19.36 -5.64
C LEU B 81 16.85 18.81 -5.20
N GLN B 82 17.81 19.67 -5.01
CA GLN B 82 19.13 19.17 -4.65
C GLN B 82 19.11 18.55 -3.25
N LEU B 83 18.09 18.86 -2.47
CA LEU B 83 18.06 18.42 -1.08
C LEU B 83 17.44 17.05 -0.98
N VAL B 84 16.47 16.83 -1.87
CA VAL B 84 15.99 15.49 -2.17
C VAL B 84 17.11 14.57 -2.64
N GLY B 85 17.90 15.05 -3.59
CA GLY B 85 18.96 14.22 -4.14
C GLY B 85 19.94 13.86 -3.06
N THR B 86 20.29 14.87 -2.28
CA THR B 86 21.27 14.70 -1.25
C THR B 86 20.88 13.69 -0.19
N ALA B 87 19.63 13.76 0.23
CA ALA B 87 19.12 12.84 1.23
C ALA B 87 18.92 11.42 0.67
N ALA B 88 18.48 11.32 -0.60
CA ALA B 88 18.55 10.05 -1.30
C ALA B 88 19.94 9.48 -1.33
N MET B 89 20.95 10.28 -1.65
CA MET B 89 22.27 9.66 -1.76
C MET B 89 22.75 9.20 -0.37
N LEU B 90 22.40 9.97 0.65
CA LEU B 90 22.70 9.56 2.02
C LEU B 90 22.00 8.25 2.39
N LEU B 91 20.70 8.20 2.15
CA LEU B 91 19.94 7.02 2.46
C LEU B 91 20.55 5.81 1.74
N ALA B 92 20.77 5.97 0.44
CA ALA B 92 21.37 4.91 -0.37
C ALA B 92 22.72 4.49 0.17
N SER B 93 23.47 5.44 0.66
CA SER B 93 24.80 5.10 1.13
C SER B 93 24.63 4.25 2.37
N LYS B 94 23.61 4.58 3.14
CA LYS B 94 23.41 3.90 4.42
C LYS B 94 22.99 2.47 4.14
N PHE B 95 22.23 2.29 3.08
CA PHE B 95 21.71 0.97 2.78
C PHE B 95 22.81 0.05 2.26
N GLU B 96 23.69 0.59 1.41
CA GLU B 96 24.51 -0.21 0.51
C GLU B 96 26.01 -0.16 0.81
N GLU B 97 26.48 0.94 1.41
CA GLU B 97 27.91 1.09 1.69
C GLU B 97 28.31 0.46 3.02
N ILE B 98 29.57 0.08 3.11
CA ILE B 98 30.01 -0.57 4.32
C ILE B 98 30.04 0.51 5.41
N TYR B 99 30.83 1.57 5.18
CA TYR B 99 30.70 2.83 5.91
C TYR B 99 30.34 3.98 4.98
N PRO B 100 29.16 4.53 5.16
CA PRO B 100 28.74 5.77 4.49
C PRO B 100 29.57 6.98 4.88
N PRO B 101 29.69 7.93 3.97
CA PRO B 101 30.22 9.24 4.31
C PRO B 101 29.47 9.77 5.53
N GLU B 102 30.12 10.54 6.41
CA GLU B 102 29.44 11.31 7.46
C GLU B 102 28.46 12.35 6.93
N VAL B 103 27.36 12.59 7.67
CA VAL B 103 26.28 13.46 7.18
C VAL B 103 26.82 14.83 6.78
N ALA B 104 27.80 15.33 7.53
CA ALA B 104 28.46 16.59 7.25
C ALA B 104 28.99 16.64 5.83
N GLU B 105 29.62 15.55 5.40
CA GLU B 105 30.17 15.49 4.03
C GLU B 105 29.03 15.81 3.09
N PHE B 106 27.85 15.35 3.46
CA PHE B 106 26.73 15.48 2.58
C PHE B 106 26.32 16.94 2.57
N VAL B 107 26.46 17.59 3.72
CA VAL B 107 26.20 19.02 3.78
C VAL B 107 27.24 19.74 2.93
N TYR B 108 28.49 19.30 3.02
CA TYR B 108 29.63 19.94 2.34
C TYR B 108 29.49 19.91 0.81
N ILE B 109 29.15 18.74 0.26
CA ILE B 109 29.04 18.57 -1.19
C ILE B 109 27.99 19.45 -1.82
N THR B 110 27.18 20.15 -1.03
CA THR B 110 26.31 21.17 -1.58
C THR B 110 26.84 22.60 -1.42
N ASP B 111 28.01 22.77 -0.84
CA ASP B 111 28.47 24.12 -0.48
C ASP B 111 27.54 24.75 0.56
N ASP B 112 27.44 24.10 1.71
CA ASP B 112 26.63 24.58 2.82
C ASP B 112 25.38 25.33 2.36
N THR B 113 24.68 24.79 1.36
CA THR B 113 23.43 25.43 0.90
C THR B 113 22.19 24.86 1.56
N TYR B 114 22.40 23.86 2.41
CA TYR B 114 21.37 23.33 3.27
C TYR B 114 22.10 23.03 4.56
N THR B 115 21.37 23.01 5.67
CA THR B 115 22.01 22.72 6.95
C THR B 115 21.95 21.23 7.17
N LYS B 116 22.78 20.73 8.08
CA LYS B 116 22.68 19.32 8.45
C LYS B 116 21.25 19.00 8.88
N LYS B 117 20.63 19.91 9.61
CA LYS B 117 19.30 19.58 10.12
C LYS B 117 18.30 19.44 9.03
N GLN B 118 18.42 20.23 7.96
CA GLN B 118 17.53 20.11 6.81
C GLN B 118 17.77 18.78 6.10
N VAL B 119 19.01 18.34 6.01
CA VAL B 119 19.32 17.08 5.33
C VAL B 119 18.77 15.92 6.15
N LEU B 120 18.91 16.00 7.46
CA LEU B 120 18.36 14.97 8.35
C LEU B 120 16.83 14.91 8.40
N ARG B 121 16.15 16.00 8.20
CA ARG B 121 14.70 15.91 8.18
C ARG B 121 14.16 15.55 6.83
N MET B 122 14.95 15.77 5.79
CA MET B 122 14.56 15.34 4.46
C MET B 122 14.80 13.83 4.33
N GLU B 123 15.77 13.31 5.06
CA GLU B 123 16.02 11.86 5.17
C GLU B 123 14.77 11.17 5.74
N HIS B 124 14.23 11.80 6.76
CA HIS B 124 13.06 11.28 7.44
C HIS B 124 11.88 11.34 6.52
N LEU B 125 11.62 12.50 5.93
CA LEU B 125 10.60 12.65 4.90
C LEU B 125 10.76 11.65 3.73
N VAL B 126 11.98 11.43 3.26
CA VAL B 126 12.11 10.45 2.17
C VAL B 126 11.71 9.08 2.68
N LEU B 127 12.29 8.65 3.80
CA LEU B 127 11.93 7.36 4.38
C LEU B 127 10.43 7.24 4.52
N LYS B 128 9.74 8.28 4.95
CA LYS B 128 8.32 8.05 5.19
C LYS B 128 7.53 7.89 3.88
N VAL B 129 7.88 8.67 2.87
CA VAL B 129 7.20 8.60 1.57
C VAL B 129 7.47 7.28 0.86
N LEU B 130 8.66 6.74 1.07
CA LEU B 130 9.06 5.47 0.45
C LEU B 130 8.65 4.32 1.33
N THR B 131 8.13 4.62 2.52
CA THR B 131 7.68 3.63 3.49
C THR B 131 8.78 2.65 3.89
N PHE B 132 10.00 3.16 4.08
CA PHE B 132 11.16 2.35 4.41
C PHE B 132 11.42 1.21 3.40
N ASP B 133 10.90 1.34 2.19
CA ASP B 133 11.10 0.33 1.16
C ASP B 133 12.31 0.66 0.28
N LEU B 134 13.49 0.24 0.72
CA LEU B 134 14.72 0.73 0.16
C LEU B 134 15.44 -0.28 -0.72
N ALA B 135 14.99 -1.52 -0.67
CA ALA B 135 15.75 -2.59 -1.30
C ALA B 135 15.28 -2.75 -2.75
N ALA B 136 15.26 -1.64 -3.48
CA ALA B 136 14.84 -1.57 -4.88
C ALA B 136 15.78 -2.26 -5.86
N PRO B 137 15.18 -2.98 -6.79
CA PRO B 137 15.94 -3.61 -7.88
C PRO B 137 16.51 -2.55 -8.82
N THR B 138 17.71 -2.76 -9.35
CA THR B 138 18.30 -1.79 -10.26
C THR B 138 18.80 -2.45 -11.53
N VAL B 139 18.95 -1.66 -12.59
CA VAL B 139 19.78 -2.03 -13.75
C VAL B 139 21.06 -2.75 -13.35
N ASN B 140 21.77 -2.18 -12.40
CA ASN B 140 23.05 -2.74 -11.94
C ASN B 140 22.87 -4.17 -11.42
N GLN B 141 21.75 -4.48 -10.78
CA GLN B 141 21.60 -5.79 -10.15
C GLN B 141 21.35 -6.75 -11.30
N PHE B 142 20.49 -6.36 -12.22
CA PHE B 142 20.16 -7.25 -13.33
C PHE B 142 21.30 -7.43 -14.29
N LEU B 143 22.10 -6.39 -14.48
CA LEU B 143 23.34 -6.60 -15.19
C LEU B 143 24.16 -7.69 -14.53
N THR B 144 24.32 -7.61 -13.22
CA THR B 144 25.24 -8.52 -12.53
C THR B 144 24.78 -9.96 -12.66
N GLN B 145 23.48 -10.19 -12.63
CA GLN B 145 22.99 -11.54 -12.84
C GLN B 145 23.33 -11.94 -14.28
N TYR B 146 22.90 -11.13 -15.24
CA TYR B 146 23.09 -11.49 -16.63
C TYR B 146 24.55 -11.86 -16.91
N PHE B 147 25.50 -11.24 -16.19
CA PHE B 147 26.91 -11.40 -16.54
C PHE B 147 27.36 -12.86 -16.30
N LEU B 148 26.73 -13.54 -15.37
CA LEU B 148 26.98 -14.96 -15.15
C LEU B 148 26.86 -15.87 -16.38
N HIS B 149 26.26 -15.36 -17.46
CA HIS B 149 25.92 -16.14 -18.66
C HIS B 149 26.80 -15.78 -19.86
N GLN B 150 27.86 -15.00 -19.67
CA GLN B 150 28.84 -14.74 -20.73
C GLN B 150 29.78 -15.91 -21.02
N GLN B 151 30.16 -16.08 -22.30
CA GLN B 151 30.99 -17.21 -22.78
C GLN B 151 32.08 -16.78 -23.78
N PRO B 152 33.27 -16.44 -23.30
CA PRO B 152 33.57 -16.40 -21.86
C PRO B 152 33.44 -14.98 -21.29
N ALA B 153 33.68 -14.84 -19.99
CA ALA B 153 33.61 -13.54 -19.32
C ALA B 153 34.49 -12.53 -20.03
N ASN B 154 33.96 -11.34 -20.32
CA ASN B 154 34.69 -10.29 -21.04
C ASN B 154 34.66 -8.98 -20.28
N CYS B 155 35.81 -8.58 -19.75
CA CYS B 155 35.88 -7.39 -18.91
C CYS B 155 35.26 -6.21 -19.62
N LYS B 156 35.69 -5.98 -20.85
CA LYS B 156 35.29 -4.79 -21.59
C LYS B 156 33.80 -4.80 -21.79
N VAL B 157 33.22 -5.98 -22.00
CA VAL B 157 31.78 -6.02 -22.16
C VAL B 157 31.04 -5.61 -20.89
N GLU B 158 31.48 -6.12 -19.73
CA GLU B 158 30.91 -5.79 -18.42
C GLU B 158 30.99 -4.28 -18.18
N SER B 159 32.19 -3.73 -18.31
CA SER B 159 32.35 -2.29 -18.15
C SER B 159 31.40 -1.51 -19.05
N LEU B 160 31.30 -1.92 -20.31
CA LEU B 160 30.68 -1.06 -21.28
C LEU B 160 29.17 -1.14 -21.06
N ALA B 161 28.71 -2.28 -20.58
CA ALA B 161 27.29 -2.41 -20.23
C ALA B 161 26.91 -1.59 -18.99
N MET B 162 27.76 -1.62 -17.99
CA MET B 162 27.66 -0.70 -16.88
C MET B 162 27.49 0.74 -17.36
N PHE B 163 28.44 1.19 -18.15
CA PHE B 163 28.39 2.52 -18.75
C PHE B 163 27.04 2.82 -19.37
N LEU B 164 26.48 1.87 -20.11
CA LEU B 164 25.28 2.16 -20.86
C LEU B 164 24.13 2.23 -19.87
N GLY B 165 24.17 1.35 -18.89
CA GLY B 165 23.21 1.38 -17.82
C GLY B 165 23.21 2.74 -17.12
N GLU B 166 24.37 3.23 -16.70
CA GLU B 166 24.38 4.55 -16.09
C GLU B 166 23.82 5.68 -16.96
N LEU B 167 24.21 5.74 -18.22
CA LEU B 167 23.72 6.79 -19.11
C LEU B 167 22.22 6.88 -19.04
N SER B 168 21.57 5.75 -18.86
CA SER B 168 20.11 5.69 -18.81
C SER B 168 19.52 6.32 -17.56
N LEU B 169 20.28 6.38 -16.48
CA LEU B 169 19.79 7.07 -15.29
C LEU B 169 19.54 8.56 -15.58
N ILE B 170 20.28 9.12 -16.54
CA ILE B 170 20.37 10.54 -16.78
C ILE B 170 19.10 11.12 -17.39
N ASP B 171 18.34 10.30 -18.11
CA ASP B 171 17.32 10.84 -19.01
C ASP B 171 15.98 10.19 -18.75
N ALA B 172 15.15 10.82 -17.94
CA ALA B 172 13.82 10.29 -17.69
C ALA B 172 13.13 10.12 -19.03
N ASP B 173 12.98 11.25 -19.72
CA ASP B 173 13.18 11.45 -21.15
C ASP B 173 12.61 10.43 -22.14
N PRO B 174 13.27 9.27 -22.22
CA PRO B 174 12.62 7.96 -22.43
C PRO B 174 12.77 6.86 -21.35
N TYR B 175 13.90 6.82 -20.64
CA TYR B 175 14.18 5.60 -19.87
C TYR B 175 13.16 5.24 -18.77
N LEU B 176 12.48 6.23 -18.21
CA LEU B 176 11.41 5.94 -17.25
C LEU B 176 10.37 4.90 -17.66
N LYS B 177 10.13 4.67 -18.93
CA LYS B 177 9.11 3.68 -19.33
C LYS B 177 9.65 2.25 -19.53
N TYR B 178 10.88 1.98 -19.12
CA TYR B 178 11.42 0.63 -19.14
C TYR B 178 11.72 0.17 -17.72
N LEU B 179 11.26 -1.04 -17.41
CA LEU B 179 11.81 -1.79 -16.31
C LEU B 179 13.34 -1.95 -16.40
N PRO B 180 13.96 -2.02 -15.24
CA PRO B 180 15.41 -2.21 -15.16
C PRO B 180 15.84 -3.51 -15.81
N SER B 181 15.02 -4.56 -15.72
CA SER B 181 15.36 -5.84 -16.37
C SER B 181 15.48 -5.73 -17.88
N VAL B 182 14.68 -4.84 -18.45
CA VAL B 182 14.76 -4.55 -19.86
C VAL B 182 15.94 -3.67 -20.27
N ILE B 183 16.13 -2.56 -19.57
CA ILE B 183 17.30 -1.72 -19.82
C ILE B 183 18.58 -2.53 -19.75
N ALA B 184 18.66 -3.42 -18.76
CA ALA B 184 19.88 -4.18 -18.55
C ALA B 184 20.01 -5.18 -19.70
N GLY B 185 18.88 -5.70 -20.16
CA GLY B 185 18.90 -6.52 -21.36
C GLY B 185 19.52 -5.80 -22.56
N ALA B 186 19.00 -4.60 -22.81
CA ALA B 186 19.40 -3.84 -23.98
C ALA B 186 20.87 -3.54 -23.86
N ALA B 187 21.30 -3.27 -22.63
CA ALA B 187 22.63 -2.71 -22.46
C ALA B 187 23.64 -3.84 -22.56
N PHE B 188 23.19 -5.03 -22.17
CA PHE B 188 24.04 -6.22 -22.29
C PHE B 188 24.20 -6.59 -23.76
N HIS B 189 23.11 -6.64 -24.50
CA HIS B 189 23.23 -6.80 -25.95
C HIS B 189 24.14 -5.78 -26.58
N LEU B 190 23.79 -4.51 -26.47
CA LEU B 190 24.54 -3.44 -27.11
C LEU B 190 26.02 -3.47 -26.78
N ALA B 191 26.35 -3.76 -25.53
CA ALA B 191 27.74 -3.93 -25.11
C ALA B 191 28.40 -5.15 -25.73
N LEU B 192 27.69 -6.29 -25.70
CA LEU B 192 28.14 -7.49 -26.38
C LEU B 192 28.40 -7.22 -27.87
N TYR B 193 27.36 -6.81 -28.56
CA TYR B 193 27.47 -6.50 -29.98
C TYR B 193 28.64 -5.57 -30.25
N THR B 194 28.72 -4.49 -29.51
CA THR B 194 29.73 -3.50 -29.72
C THR B 194 31.14 -4.06 -29.60
N VAL B 195 31.38 -4.96 -28.65
CA VAL B 195 32.76 -5.41 -28.41
C VAL B 195 33.17 -6.62 -29.27
N THR B 196 32.24 -7.51 -29.59
CA THR B 196 32.57 -8.74 -30.29
C THR B 196 31.76 -9.00 -31.57
N GLY B 197 30.61 -8.34 -31.71
CA GLY B 197 29.64 -8.72 -32.70
C GLY B 197 28.66 -9.80 -32.30
N GLN B 198 28.95 -10.48 -31.19
CA GLN B 198 28.05 -11.44 -30.56
C GLN B 198 26.70 -10.80 -30.14
N SER B 199 25.84 -11.58 -29.47
CA SER B 199 24.44 -11.20 -29.33
C SER B 199 23.75 -11.83 -28.11
N TRP B 200 22.64 -11.19 -27.71
CA TRP B 200 21.82 -11.54 -26.57
C TRP B 200 21.54 -13.05 -26.52
N PRO B 201 22.11 -13.78 -25.57
CA PRO B 201 22.27 -15.22 -25.73
C PRO B 201 21.03 -16.02 -25.38
N GLU B 202 20.86 -17.17 -26.03
CA GLU B 202 19.70 -18.01 -25.76
C GLU B 202 19.55 -18.37 -24.28
N SER B 203 20.64 -18.66 -23.57
CA SER B 203 20.57 -18.79 -22.09
C SER B 203 19.62 -17.78 -21.46
N LEU B 204 19.84 -16.51 -21.80
CA LEU B 204 19.14 -15.39 -21.17
C LEU B 204 17.78 -15.23 -21.80
N ILE B 205 17.69 -15.52 -23.10
CA ILE B 205 16.39 -15.60 -23.73
C ILE B 205 15.48 -16.52 -22.95
N ARG B 206 15.97 -17.71 -22.58
CA ARG B 206 15.19 -18.59 -21.73
C ARG B 206 15.00 -18.13 -20.26
N LYS B 207 16.07 -17.76 -19.57
CA LYS B 207 15.91 -17.21 -18.22
C LYS B 207 14.93 -16.02 -18.22
N THR B 208 15.15 -15.02 -19.07
CA THR B 208 14.39 -13.78 -18.93
C THR B 208 13.04 -13.86 -19.63
N GLY B 209 12.92 -14.77 -20.58
CA GLY B 209 11.80 -14.76 -21.51
C GLY B 209 11.76 -13.44 -22.24
N TYR B 210 12.91 -12.82 -22.44
CA TYR B 210 13.00 -11.69 -23.37
C TYR B 210 13.71 -12.12 -24.65
N THR B 211 12.99 -12.09 -25.77
CA THR B 211 13.65 -12.16 -27.09
C THR B 211 14.36 -10.84 -27.39
N LEU B 212 15.35 -10.94 -28.27
CA LEU B 212 16.00 -9.79 -28.87
C LEU B 212 15.00 -8.83 -29.48
N GLU B 213 14.05 -9.38 -30.22
CA GLU B 213 12.98 -8.54 -30.72
C GLU B 213 12.40 -7.66 -29.62
N SER B 214 11.93 -8.28 -28.54
CA SER B 214 11.26 -7.57 -27.46
C SER B 214 12.14 -6.43 -26.91
N LEU B 215 13.45 -6.59 -27.01
CA LEU B 215 14.37 -5.55 -26.57
C LEU B 215 14.52 -4.41 -27.55
N LYS B 216 13.86 -4.53 -28.70
CA LYS B 216 14.12 -3.63 -29.83
C LYS B 216 13.92 -2.15 -29.46
N PRO B 217 12.74 -1.79 -28.98
CA PRO B 217 12.50 -0.39 -28.59
C PRO B 217 13.51 0.22 -27.59
N CYS B 218 13.75 -0.41 -26.44
CA CYS B 218 14.83 0.02 -25.54
C CYS B 218 16.19 0.16 -26.19
N LEU B 219 16.68 -0.92 -26.78
CA LEU B 219 17.87 -0.90 -27.65
C LEU B 219 17.96 0.27 -28.61
N MET B 220 16.87 0.56 -29.31
CA MET B 220 16.95 1.61 -30.31
C MET B 220 17.28 2.89 -29.57
N ASP B 221 16.53 3.14 -28.50
CA ASP B 221 16.71 4.36 -27.69
C ASP B 221 18.14 4.37 -27.17
N LEU B 222 18.57 3.24 -26.60
CA LEU B 222 19.90 3.20 -26.01
C LEU B 222 21.04 3.35 -27.03
N HIS B 223 20.85 2.81 -28.24
CA HIS B 223 21.79 3.04 -29.34
C HIS B 223 21.90 4.52 -29.72
N GLN B 224 20.77 5.20 -29.91
CA GLN B 224 20.80 6.67 -29.95
C GLN B 224 21.58 7.35 -28.83
N THR B 225 21.23 7.08 -27.57
CA THR B 225 21.91 7.70 -26.43
C THR B 225 23.43 7.43 -26.52
N TYR B 226 23.81 6.20 -26.78
CA TYR B 226 25.23 5.87 -26.93
C TYR B 226 25.85 6.76 -28.04
N LEU B 227 25.12 6.93 -29.14
CA LEU B 227 25.67 7.61 -30.31
C LEU B 227 25.97 9.08 -30.02
N LYS B 228 25.09 9.69 -29.22
CA LYS B 228 25.11 11.14 -28.97
C LYS B 228 25.80 11.47 -27.65
N ALA B 229 26.15 10.43 -26.91
CA ALA B 229 26.76 10.57 -25.60
C ALA B 229 27.81 11.66 -25.55
N PRO B 230 28.73 11.73 -26.50
CA PRO B 230 29.76 12.77 -26.44
C PRO B 230 29.24 14.18 -26.66
N GLN B 231 28.01 14.31 -27.17
CA GLN B 231 27.31 15.58 -27.34
C GLN B 231 26.46 15.98 -26.15
N HIS B 232 26.21 15.07 -25.20
CA HIS B 232 25.16 15.29 -24.22
C HIS B 232 25.56 16.42 -23.27
N ALA B 233 24.57 17.16 -22.81
CA ALA B 233 24.82 18.31 -21.94
C ALA B 233 25.52 17.88 -20.65
N GLN B 234 25.18 16.67 -20.20
CA GLN B 234 25.86 16.01 -19.07
C GLN B 234 26.94 15.00 -19.49
N GLN B 235 28.08 15.06 -18.83
CA GLN B 235 29.29 14.37 -19.25
C GLN B 235 29.97 13.60 -18.12
N SER B 236 29.39 13.67 -16.93
CA SER B 236 30.04 13.05 -15.78
C SER B 236 30.31 11.55 -15.94
N ILE B 237 29.42 10.84 -16.64
CA ILE B 237 29.52 9.38 -16.74
C ILE B 237 30.62 9.01 -17.73
N ARG B 238 30.70 9.71 -18.87
CA ARG B 238 31.85 9.53 -19.76
C ARG B 238 33.18 9.80 -19.09
N GLU B 239 33.29 10.86 -18.31
CA GLU B 239 34.59 11.17 -17.71
C GLU B 239 34.89 9.98 -16.80
N LYS B 240 33.87 9.54 -16.07
CA LYS B 240 34.05 8.44 -15.15
C LYS B 240 34.55 7.22 -15.91
N TYR B 241 34.01 6.96 -17.10
CA TYR B 241 34.23 5.65 -17.70
C TYR B 241 35.44 5.70 -18.67
N LYS B 242 36.26 6.73 -18.53
CA LYS B 242 37.54 6.79 -19.23
C LYS B 242 38.61 6.13 -18.39
N ASN B 243 38.59 6.38 -17.09
CA ASN B 243 39.48 5.72 -16.15
C ASN B 243 39.76 4.30 -16.62
N SER B 244 41.01 3.86 -16.44
CA SER B 244 41.41 2.50 -16.79
C SER B 244 40.67 1.47 -15.96
N LYS B 245 40.30 1.79 -14.72
CA LYS B 245 39.43 0.92 -13.95
C LYS B 245 38.46 0.27 -14.91
N TYR B 246 37.89 1.07 -15.82
CA TYR B 246 36.84 0.58 -16.70
C TYR B 246 37.29 0.20 -18.12
N HIS B 247 38.58 -0.03 -18.29
CA HIS B 247 39.18 -0.31 -19.59
C HIS B 247 38.91 0.73 -20.69
N GLY B 248 38.68 1.99 -20.26
CA GLY B 248 38.39 3.13 -21.13
C GLY B 248 37.22 3.08 -22.11
N VAL B 249 36.32 2.13 -21.88
CA VAL B 249 35.33 1.73 -22.89
C VAL B 249 34.53 2.89 -23.45
N SER B 250 34.41 3.99 -22.71
CA SER B 250 33.52 5.09 -23.13
C SER B 250 34.20 5.93 -24.20
N LEU B 251 35.41 5.49 -24.56
CA LEU B 251 36.13 5.95 -25.73
C LEU B 251 35.86 5.11 -27.01
N LEU B 252 36.00 3.78 -26.96
CA LEU B 252 35.54 2.88 -28.04
C LEU B 252 34.46 3.50 -28.93
N ASN B 253 34.46 3.12 -30.19
CA ASN B 253 33.55 3.73 -31.14
C ASN B 253 32.28 2.92 -31.24
N PRO B 254 31.15 3.52 -30.87
CA PRO B 254 29.86 2.82 -30.98
C PRO B 254 29.68 2.44 -32.43
N PRO B 255 28.98 1.36 -32.70
CA PRO B 255 28.61 1.01 -34.07
C PRO B 255 27.41 1.81 -34.56
N GLU B 256 27.44 2.13 -35.85
CA GLU B 256 26.44 3.03 -36.42
C GLU B 256 25.18 2.35 -36.92
N THR B 257 25.14 1.03 -36.90
CA THR B 257 23.89 0.27 -37.06
C THR B 257 23.90 -0.96 -36.15
N LEU B 258 22.73 -1.55 -35.97
CA LEU B 258 22.55 -2.62 -35.00
C LEU B 258 22.23 -4.00 -35.60
N ASN B 259 21.83 -4.06 -36.87
CA ASN B 259 21.53 -5.33 -37.55
C ASN B 259 20.29 -6.05 -37.04
N LEU B 260 19.16 -5.39 -36.97
CA LEU B 260 17.99 -5.99 -36.36
C LEU B 260 16.93 -6.28 -37.41
N MET C 1 3.49 17.23 11.39
CA MET C 1 3.11 18.68 11.38
C MET C 1 4.26 19.66 11.55
N GLU C 2 5.31 19.20 12.20
CA GLU C 2 6.63 19.83 12.18
C GLU C 2 7.08 20.43 10.85
N ASN C 3 6.82 19.81 9.71
CA ASN C 3 7.38 20.27 8.45
C ASN C 3 6.52 21.33 7.78
N PHE C 4 5.39 21.65 8.38
CA PHE C 4 4.51 22.64 7.77
C PHE C 4 4.58 23.98 8.48
N GLN C 5 4.42 25.04 7.72
CA GLN C 5 4.55 26.39 8.24
C GLN C 5 3.29 27.14 7.81
N LYS C 6 2.52 27.66 8.77
CA LYS C 6 1.26 28.31 8.44
C LYS C 6 1.51 29.68 7.83
N VAL C 7 0.94 29.90 6.66
CA VAL C 7 1.11 31.16 5.93
C VAL C 7 -0.07 32.14 6.14
N GLU C 8 -1.28 31.61 6.28
CA GLU C 8 -2.41 32.46 6.56
C GLU C 8 -3.69 31.63 6.59
N LYS C 9 -4.72 32.12 7.26
CA LYS C 9 -6.04 31.49 7.30
C LYS C 9 -6.84 31.81 6.03
N ILE C 10 -7.40 30.80 5.35
CA ILE C 10 -8.16 31.09 4.13
C ILE C 10 -9.64 30.80 4.15
N GLY C 11 -10.21 30.69 5.34
CA GLY C 11 -11.65 30.66 5.47
C GLY C 11 -12.05 29.70 6.56
N GLU C 12 -13.36 29.59 6.79
CA GLU C 12 -13.93 28.57 7.68
C GLU C 12 -14.61 27.53 6.81
N GLY C 13 -14.79 26.33 7.35
CA GLY C 13 -15.31 25.19 6.61
C GLY C 13 -15.85 24.13 7.56
N THR C 14 -16.33 23.00 7.03
CA THR C 14 -17.08 22.04 7.85
C THR C 14 -16.29 21.70 9.13
N TYR C 15 -14.97 21.73 9.02
CA TYR C 15 -14.10 21.33 10.11
C TYR C 15 -13.67 22.53 10.97
N GLY C 16 -13.41 23.66 10.33
CA GLY C 16 -12.89 24.83 11.00
C GLY C 16 -12.05 25.69 10.07
N VAL C 17 -11.44 26.76 10.58
CA VAL C 17 -10.55 27.56 9.73
C VAL C 17 -9.70 26.62 8.90
N VAL C 18 -9.43 27.00 7.65
CA VAL C 18 -8.52 26.25 6.81
C VAL C 18 -7.29 27.11 6.66
N TYR C 19 -6.11 26.55 6.83
CA TYR C 19 -4.92 27.39 6.71
C TYR C 19 -4.19 27.13 5.40
N LYS C 20 -3.62 28.19 4.82
CA LYS C 20 -2.62 28.00 3.78
C LYS C 20 -1.27 27.75 4.43
N ALA C 21 -0.64 26.61 4.11
CA ALA C 21 0.60 26.28 4.77
C ALA C 21 1.63 25.97 3.70
N ARG C 22 2.88 25.82 4.13
CA ARG C 22 3.92 25.50 3.17
C ARG C 22 4.90 24.48 3.74
N ASN C 23 5.17 23.46 2.93
CA ASN C 23 6.17 22.47 3.32
C ASN C 23 7.53 23.13 3.41
N LYS C 24 8.12 23.11 4.59
CA LYS C 24 9.48 23.57 4.79
C LYS C 24 10.55 22.81 4.00
N LEU C 25 10.33 21.52 3.78
CA LEU C 25 11.37 20.68 3.16
C LEU C 25 11.30 20.69 1.64
N THR C 26 10.09 20.61 1.08
CA THR C 26 9.89 20.59 -0.37
C THR C 26 9.35 21.85 -1.04
N GLY C 27 8.91 22.81 -0.24
CA GLY C 27 8.45 24.07 -0.80
C GLY C 27 6.99 24.01 -1.25
N GLU C 28 6.40 22.83 -1.26
CA GLU C 28 5.00 22.68 -1.64
C GLU C 28 4.08 23.52 -0.79
N VAL C 29 3.09 24.09 -1.45
CA VAL C 29 2.05 24.89 -0.81
C VAL C 29 0.76 24.09 -0.67
N VAL C 30 0.20 24.03 0.54
CA VAL C 30 -0.97 23.19 0.76
C VAL C 30 -2.08 23.90 1.55
N ALA C 31 -3.28 23.32 1.51
CA ALA C 31 -4.37 23.78 2.36
C ALA C 31 -4.53 22.81 3.50
N LEU C 32 -4.36 23.30 4.71
CA LEU C 32 -4.45 22.47 5.92
C LEU C 32 -5.81 22.62 6.56
N LYS C 33 -6.64 21.57 6.56
CA LYS C 33 -7.84 21.52 7.42
C LYS C 33 -7.58 20.82 8.76
N LYS C 34 -7.83 21.48 9.89
CA LYS C 34 -7.76 20.77 11.17
C LYS C 34 -9.08 20.48 11.91
N ILE C 35 -9.19 19.26 12.41
CA ILE C 35 -10.22 18.89 13.34
C ILE C 35 -9.67 18.68 14.75
N ARG C 36 -10.37 19.28 15.71
CA ARG C 36 -9.99 19.14 17.12
C ARG C 36 -10.68 17.92 17.68
N LEU C 37 -9.90 16.85 17.79
CA LEU C 37 -10.36 15.59 18.35
C LEU C 37 -10.30 15.66 19.87
N ASP C 38 -10.97 16.66 20.46
CA ASP C 38 -11.50 16.49 21.81
C ASP C 38 -11.87 15.00 21.89
N THR C 39 -11.28 14.31 22.86
CA THR C 39 -11.54 12.88 23.04
C THR C 39 -12.60 12.69 24.13
N GLU C 40 -13.62 13.55 24.03
CA GLU C 40 -14.68 13.73 25.03
C GLU C 40 -16.03 14.07 24.34
N THR C 41 -16.06 14.05 23.00
CA THR C 41 -17.31 14.17 22.26
C THR C 41 -17.64 12.89 21.49
N GLU C 42 -17.43 12.93 20.18
CA GLU C 42 -18.12 12.04 19.25
C GLU C 42 -17.16 11.38 18.27
N GLY C 43 -15.87 11.60 18.51
CA GLY C 43 -14.84 10.93 17.74
C GLY C 43 -14.58 11.62 16.43
N VAL C 44 -13.99 10.91 15.49
CA VAL C 44 -13.85 11.46 14.14
C VAL C 44 -15.20 11.76 13.48
N PRO C 45 -15.45 13.00 13.10
CA PRO C 45 -16.72 13.34 12.42
C PRO C 45 -16.93 12.53 11.15
N SER C 46 -18.18 12.24 10.83
CA SER C 46 -18.49 11.56 9.58
C SER C 46 -18.15 12.34 8.30
N THR C 47 -18.08 13.66 8.37
CA THR C 47 -17.66 14.42 7.22
C THR C 47 -16.24 13.99 6.91
N ALA C 48 -15.40 13.92 7.92
CA ALA C 48 -14.02 13.53 7.67
C ALA C 48 -13.93 12.09 7.19
N ILE C 49 -14.73 11.20 7.77
CA ILE C 49 -14.76 9.81 7.38
C ILE C 49 -15.09 9.69 5.89
N ARG C 50 -16.08 10.44 5.44
CA ARG C 50 -16.52 10.32 4.05
C ARG C 50 -15.55 10.97 3.11
N GLU C 51 -15.13 12.17 3.44
CA GLU C 51 -14.23 12.91 2.57
C GLU C 51 -12.94 12.14 2.42
N ILE C 52 -12.40 11.59 3.50
CA ILE C 52 -11.09 11.03 3.41
C ILE C 52 -11.15 9.70 2.64
N SER C 53 -12.13 8.86 2.89
CA SER C 53 -12.17 7.60 2.15
C SER C 53 -12.64 7.73 0.71
N LEU C 54 -13.59 8.62 0.42
CA LEU C 54 -14.00 8.86 -0.97
C LEU C 54 -12.89 9.52 -1.79
N LEU C 55 -12.34 10.58 -1.23
CA LEU C 55 -11.26 11.31 -1.89
C LEU C 55 -10.04 10.46 -2.16
N LYS C 56 -9.71 9.58 -1.23
CA LYS C 56 -8.60 8.65 -1.38
C LYS C 56 -8.86 7.75 -2.56
N GLU C 57 -10.10 7.62 -2.96
CA GLU C 57 -10.44 6.71 -4.07
C GLU C 57 -10.45 7.45 -5.42
N LEU C 58 -10.54 8.79 -5.40
CA LEU C 58 -10.82 9.59 -6.59
C LEU C 58 -9.60 10.37 -7.07
N ASN C 59 -8.84 9.78 -8.00
CA ASN C 59 -7.71 10.46 -8.61
C ASN C 59 -8.01 11.03 -10.00
N HIS C 60 -8.19 12.34 -10.11
CA HIS C 60 -8.67 12.97 -11.33
C HIS C 60 -8.30 14.44 -11.37
N PRO C 61 -7.90 14.92 -12.54
CA PRO C 61 -7.47 16.31 -12.72
C PRO C 61 -8.42 17.37 -12.16
N ASN C 62 -9.71 17.08 -12.07
CA ASN C 62 -10.73 17.99 -11.62
C ASN C 62 -11.42 17.60 -10.32
N ILE C 63 -10.67 16.93 -9.47
CA ILE C 63 -11.09 16.68 -8.08
C ILE C 63 -9.92 17.05 -7.18
N VAL C 64 -10.15 17.84 -6.14
CA VAL C 64 -9.04 18.15 -5.24
C VAL C 64 -8.31 16.90 -4.80
N LYS C 65 -6.97 16.97 -4.75
CA LYS C 65 -6.12 15.90 -4.26
C LYS C 65 -6.03 15.99 -2.75
N LEU C 66 -6.28 14.89 -2.05
CA LEU C 66 -5.97 14.80 -0.63
C LEU C 66 -4.56 14.29 -0.62
N LEU C 67 -3.65 15.06 -0.03
CA LEU C 67 -2.23 14.74 -0.10
C LEU C 67 -1.88 13.84 1.08
N ASP C 68 -2.36 14.20 2.27
CA ASP C 68 -1.99 13.46 3.46
C ASP C 68 -3.04 13.61 4.54
N VAL C 69 -3.01 12.67 5.47
CA VAL C 69 -3.81 12.73 6.65
C VAL C 69 -2.89 12.50 7.82
N ILE C 70 -2.83 13.44 8.75
CA ILE C 70 -1.85 13.34 9.82
C ILE C 70 -2.52 13.08 11.15
N HIS C 71 -2.12 11.95 11.71
CA HIS C 71 -2.79 11.34 12.86
C HIS C 71 -1.98 11.69 14.10
N THR C 72 -2.54 12.52 14.97
CA THR C 72 -2.07 12.53 16.34
C THR C 72 -3.15 12.00 17.29
N GLU C 73 -2.72 11.76 18.53
CA GLU C 73 -3.60 11.60 19.67
C GLU C 73 -4.83 12.54 19.66
N ASN C 74 -4.65 13.86 19.53
CA ASN C 74 -5.77 14.76 19.80
C ASN C 74 -6.15 15.73 18.67
N LYS C 75 -5.52 15.54 17.52
CA LYS C 75 -5.79 16.39 16.36
C LYS C 75 -5.69 15.57 15.09
N LEU C 76 -6.55 15.85 14.13
CA LEU C 76 -6.50 15.22 12.82
C LEU C 76 -6.31 16.30 11.77
N TYR C 77 -5.22 16.24 11.02
CA TYR C 77 -5.02 17.20 9.93
C TYR C 77 -5.22 16.56 8.56
N LEU C 78 -5.94 17.27 7.72
CA LEU C 78 -6.14 16.89 6.33
C LEU C 78 -5.30 17.82 5.51
N VAL C 79 -4.48 17.29 4.65
CA VAL C 79 -3.56 18.11 3.87
C VAL C 79 -3.99 18.01 2.43
N PHE C 80 -4.52 19.10 1.91
CA PHE C 80 -5.03 19.12 0.55
C PHE C 80 -4.08 19.93 -0.32
N GLU C 81 -4.05 19.64 -1.61
CA GLU C 81 -3.41 20.56 -2.55
C GLU C 81 -4.02 21.93 -2.37
N PHE C 82 -3.25 22.96 -2.70
CA PHE C 82 -3.73 24.33 -2.50
C PHE C 82 -4.21 24.92 -3.81
N LEU C 83 -5.39 25.53 -3.75
CA LEU C 83 -5.92 26.24 -4.91
C LEU C 83 -6.36 27.65 -4.54
N HIS C 84 -5.79 28.59 -5.30
CA HIS C 84 -5.92 30.03 -5.13
C HIS C 84 -7.21 30.47 -4.49
N GLN C 85 -8.36 30.12 -5.06
CA GLN C 85 -9.63 30.52 -4.43
C GLN C 85 -10.79 29.69 -4.96
N ASP C 86 -12.00 30.07 -4.59
CA ASP C 86 -13.20 29.38 -5.02
C ASP C 86 -14.10 30.18 -5.97
N LEU C 87 -14.97 29.47 -6.68
CA LEU C 87 -15.74 30.07 -7.78
C LEU C 87 -16.46 31.30 -7.29
N LYS C 88 -17.18 31.17 -6.17
CA LYS C 88 -17.92 32.27 -5.53
C LYS C 88 -17.13 33.56 -5.35
N LYS C 89 -16.01 33.52 -4.65
CA LYS C 89 -15.06 34.64 -4.67
C LYS C 89 -14.71 35.10 -6.08
N PHE C 90 -14.48 34.17 -6.99
CA PHE C 90 -14.14 34.55 -8.36
C PHE C 90 -15.30 35.23 -9.07
N MET C 91 -16.52 34.77 -8.79
CA MET C 91 -17.70 35.29 -9.42
C MET C 91 -17.94 36.73 -8.98
N ASP C 92 -17.89 36.95 -7.69
CA ASP C 92 -18.02 38.29 -7.14
C ASP C 92 -16.98 39.27 -7.66
N ALA C 93 -15.72 38.92 -7.57
CA ALA C 93 -14.65 39.72 -8.15
C ALA C 93 -14.81 39.94 -9.65
N SER C 94 -15.89 39.41 -10.22
CA SER C 94 -16.05 39.41 -11.69
C SER C 94 -17.43 39.94 -12.04
N ALA C 95 -18.29 40.13 -11.04
CA ALA C 95 -19.53 40.90 -11.22
C ALA C 95 -19.17 42.30 -11.75
N LEU C 96 -19.95 42.83 -12.67
CA LEU C 96 -19.49 44.01 -13.41
C LEU C 96 -19.02 43.60 -14.82
N THR C 97 -17.91 42.87 -14.88
CA THR C 97 -17.32 42.47 -16.15
C THR C 97 -18.00 41.22 -16.75
N GLY C 98 -18.45 40.33 -15.86
CA GLY C 98 -18.88 38.98 -16.20
C GLY C 98 -17.68 38.08 -16.39
N ILE C 99 -17.78 36.82 -15.98
CA ILE C 99 -16.80 35.81 -16.43
C ILE C 99 -16.94 35.62 -17.91
N PRO C 100 -15.83 35.69 -18.65
CA PRO C 100 -15.90 35.53 -20.10
C PRO C 100 -16.50 34.16 -20.41
N LEU C 101 -17.20 34.13 -21.54
CA LEU C 101 -17.95 32.97 -21.97
C LEU C 101 -17.07 31.74 -22.17
N PRO C 102 -15.94 31.89 -22.85
CA PRO C 102 -15.07 30.74 -23.12
C PRO C 102 -14.50 30.13 -21.83
N LEU C 103 -14.37 30.94 -20.78
CA LEU C 103 -13.95 30.37 -19.50
C LEU C 103 -15.11 29.67 -18.80
N ILE C 104 -16.33 30.17 -18.99
CA ILE C 104 -17.48 29.52 -18.41
C ILE C 104 -17.61 28.11 -19.02
N LYS C 105 -17.41 28.02 -20.32
CA LYS C 105 -17.55 26.76 -21.02
C LYS C 105 -16.44 25.80 -20.57
N SER C 106 -15.23 26.32 -20.39
CA SER C 106 -14.12 25.51 -19.92
C SER C 106 -14.37 25.01 -18.52
N TYR C 107 -14.77 25.89 -17.61
CA TYR C 107 -15.11 25.47 -16.26
C TYR C 107 -16.19 24.40 -16.23
N LEU C 108 -17.20 24.52 -17.08
CA LEU C 108 -18.32 23.59 -17.05
C LEU C 108 -17.94 22.20 -17.58
N PHE C 109 -17.16 22.17 -18.68
CA PHE C 109 -16.53 20.98 -19.26
C PHE C 109 -15.76 20.20 -18.21
N GLN C 110 -14.80 20.87 -17.59
CA GLN C 110 -14.00 20.37 -16.47
C GLN C 110 -14.83 19.86 -15.29
N LEU C 111 -15.75 20.66 -14.78
CA LEU C 111 -16.70 20.18 -13.79
C LEU C 111 -17.45 18.91 -14.18
N LEU C 112 -17.89 18.79 -15.41
CA LEU C 112 -18.59 17.58 -15.86
C LEU C 112 -17.67 16.37 -15.97
N GLN C 113 -16.39 16.59 -16.21
CA GLN C 113 -15.44 15.48 -16.27
C GLN C 113 -15.14 14.94 -14.90
N GLY C 114 -14.96 15.81 -13.92
CA GLY C 114 -14.86 15.39 -12.55
C GLY C 114 -16.14 14.75 -12.04
N LEU C 115 -17.29 15.30 -12.39
CA LEU C 115 -18.54 14.71 -11.97
C LEU C 115 -18.77 13.32 -12.60
N ALA C 116 -18.40 13.17 -13.85
CA ALA C 116 -18.58 11.87 -14.49
C ALA C 116 -17.64 10.83 -13.88
N PHE C 117 -16.46 11.26 -13.46
CA PHE C 117 -15.55 10.36 -12.78
C PHE C 117 -16.16 9.95 -11.44
N CYS C 118 -16.76 10.89 -10.72
CA CYS C 118 -17.31 10.56 -9.42
C CYS C 118 -18.39 9.51 -9.62
N HIS C 119 -19.26 9.75 -10.60
CA HIS C 119 -20.47 8.94 -10.70
C HIS C 119 -20.17 7.50 -11.14
N SER C 120 -19.15 7.37 -11.96
CA SER C 120 -18.83 6.09 -12.52
C SER C 120 -17.89 5.36 -11.50
N HIS C 121 -17.66 5.99 -10.35
CA HIS C 121 -17.04 5.36 -9.20
C HIS C 121 -18.00 5.35 -8.03
N ARG C 122 -19.26 5.36 -8.36
CA ARG C 122 -20.34 5.35 -7.39
C ARG C 122 -20.26 6.35 -6.23
N VAL C 123 -19.77 7.56 -6.52
CA VAL C 123 -19.74 8.67 -5.57
C VAL C 123 -20.68 9.79 -6.03
N LEU C 124 -21.66 10.08 -5.20
CA LEU C 124 -22.56 11.23 -5.27
C LEU C 124 -21.97 12.40 -4.50
N HIS C 125 -21.82 13.60 -5.08
CA HIS C 125 -21.29 14.73 -4.32
C HIS C 125 -22.28 15.38 -3.36
N ARG C 126 -23.50 15.69 -3.83
CA ARG C 126 -24.64 16.16 -3.05
C ARG C 126 -24.60 17.63 -2.67
N ASP C 127 -23.50 18.34 -2.88
CA ASP C 127 -23.39 19.70 -2.33
C ASP C 127 -22.60 20.60 -3.23
N LEU C 128 -22.74 20.38 -4.53
CA LEU C 128 -22.09 21.28 -5.46
C LEU C 128 -22.67 22.68 -5.25
N LYS C 129 -21.79 23.64 -4.94
CA LYS C 129 -22.13 25.04 -5.01
C LYS C 129 -20.84 25.76 -5.22
N PRO C 130 -20.90 27.03 -5.61
CA PRO C 130 -19.70 27.76 -6.04
C PRO C 130 -18.65 27.83 -4.93
N GLN C 131 -19.07 27.87 -3.66
CA GLN C 131 -18.09 27.79 -2.56
C GLN C 131 -17.23 26.51 -2.50
N ASN C 132 -17.69 25.41 -3.10
CA ASN C 132 -16.97 24.15 -3.00
C ASN C 132 -16.28 23.82 -4.32
N LEU C 133 -16.32 24.74 -5.28
CA LEU C 133 -15.54 24.59 -6.52
C LEU C 133 -14.35 25.51 -6.44
N LEU C 134 -13.15 24.97 -6.65
CA LEU C 134 -11.92 25.74 -6.46
C LEU C 134 -11.17 25.97 -7.77
N ILE C 135 -10.55 27.14 -7.93
CA ILE C 135 -9.83 27.43 -9.17
C ILE C 135 -8.36 27.74 -8.95
N ASN C 136 -7.51 27.38 -9.90
CA ASN C 136 -6.12 27.85 -9.90
C ASN C 136 -5.84 28.90 -10.98
N THR C 137 -4.61 29.40 -11.02
CA THR C 137 -4.29 30.58 -11.81
C THR C 137 -3.94 30.20 -13.25
N GLU C 138 -3.98 28.90 -13.53
CA GLU C 138 -3.62 28.31 -14.81
C GLU C 138 -4.87 27.91 -15.63
N GLY C 139 -6.05 28.05 -15.04
CA GLY C 139 -7.29 27.81 -15.76
C GLY C 139 -8.04 26.55 -15.39
N ALA C 140 -7.49 25.76 -14.47
CA ALA C 140 -8.17 24.56 -13.99
C ALA C 140 -9.31 24.92 -13.06
N ILE C 141 -10.29 24.01 -12.93
CA ILE C 141 -11.18 23.99 -11.76
C ILE C 141 -11.48 22.57 -11.25
N LYS C 142 -11.66 22.44 -9.93
CA LYS C 142 -11.84 21.14 -9.28
C LYS C 142 -12.98 21.07 -8.26
N LEU C 143 -13.63 19.93 -8.18
CA LEU C 143 -14.64 19.67 -7.16
C LEU C 143 -13.95 19.52 -5.82
N ALA C 144 -14.52 20.10 -4.77
CA ALA C 144 -13.93 20.02 -3.44
C ALA C 144 -15.00 19.82 -2.37
N ASP C 145 -14.55 19.60 -1.13
CA ASP C 145 -15.43 19.58 0.04
C ASP C 145 -16.41 18.43 -0.05
N PHE C 146 -15.89 17.22 0.10
CA PHE C 146 -16.64 16.02 -0.10
C PHE C 146 -17.19 15.53 1.24
N GLY C 147 -17.32 16.44 2.19
CA GLY C 147 -17.82 16.05 3.50
C GLY C 147 -19.25 15.53 3.51
N LEU C 148 -20.05 15.89 2.51
CA LEU C 148 -21.42 15.38 2.44
C LEU C 148 -21.61 14.32 1.37
N ALA C 149 -20.51 13.91 0.76
CA ALA C 149 -20.57 12.95 -0.33
C ALA C 149 -20.81 11.52 0.15
N ARG C 150 -21.31 10.65 -0.71
CA ARG C 150 -21.83 9.36 -0.28
C ARG C 150 -21.57 8.38 -1.38
N ALA C 151 -21.18 7.16 -1.00
CA ALA C 151 -21.11 6.02 -1.90
C ALA C 151 -22.51 5.48 -2.16
N PHE C 152 -22.89 5.38 -3.41
CA PHE C 152 -24.23 4.84 -3.72
C PHE C 152 -24.20 3.44 -4.35
N GLY C 153 -23.28 2.60 -3.94
CA GLY C 153 -23.33 1.19 -4.30
C GLY C 153 -24.63 0.58 -3.83
N VAL C 154 -25.18 1.17 -2.77
CA VAL C 154 -26.58 0.99 -2.43
C VAL C 154 -27.20 2.38 -2.44
N PRO C 155 -28.48 2.50 -2.77
CA PRO C 155 -29.09 3.81 -2.98
C PRO C 155 -29.13 4.65 -1.72
N VAL C 156 -28.86 5.95 -1.84
CA VAL C 156 -28.69 6.82 -0.70
C VAL C 156 -29.99 7.51 -0.35
N ARG C 157 -30.43 7.28 0.88
CA ARG C 157 -31.69 7.78 1.40
C ARG C 157 -31.57 9.26 1.77
N THR C 158 -32.72 9.89 1.64
CA THR C 158 -32.83 11.32 1.65
C THR C 158 -32.99 11.82 3.08
N TYR C 159 -32.25 12.88 3.37
CA TYR C 159 -32.15 13.45 4.70
C TYR C 159 -33.46 14.15 4.99
N THR C 160 -34.25 13.56 5.87
CA THR C 160 -35.08 14.31 6.82
C THR C 160 -34.52 15.71 7.15
N HIS C 161 -35.05 16.75 6.51
CA HIS C 161 -34.48 18.09 6.65
C HIS C 161 -33.03 18.01 7.18
N GLU C 162 -32.08 17.67 6.31
CA GLU C 162 -30.67 17.99 6.56
C GLU C 162 -30.50 19.51 6.55
N VAL C 163 -29.26 19.96 6.65
CA VAL C 163 -28.95 21.38 6.48
C VAL C 163 -27.99 21.60 5.30
N VAL C 164 -28.51 21.70 4.08
CA VAL C 164 -27.74 22.25 2.94
C VAL C 164 -28.01 23.76 2.78
N THR C 165 -27.42 24.35 1.73
CA THR C 165 -28.06 25.45 0.99
C THR C 165 -29.08 24.82 0.01
N LEU C 166 -30.13 25.57 -0.31
CA LEU C 166 -31.12 24.99 -1.19
C LEU C 166 -31.13 25.64 -2.54
N TRP C 167 -30.30 26.67 -2.70
CA TRP C 167 -30.23 27.40 -3.96
C TRP C 167 -29.92 26.39 -5.07
N TYR C 168 -29.21 25.33 -4.70
CA TYR C 168 -28.77 24.34 -5.67
C TYR C 168 -29.41 22.97 -5.47
N ARG C 169 -30.41 22.89 -4.60
CA ARG C 169 -31.19 21.67 -4.45
C ARG C 169 -32.15 21.42 -5.58
N ALA C 170 -32.20 20.15 -5.94
CA ALA C 170 -32.98 19.63 -7.04
C ALA C 170 -34.44 19.43 -6.63
N PRO C 171 -35.34 19.62 -7.59
CA PRO C 171 -36.77 19.65 -7.30
C PRO C 171 -37.23 18.33 -6.72
N GLU C 172 -36.77 17.19 -7.24
CA GLU C 172 -37.24 15.90 -6.74
C GLU C 172 -36.94 15.73 -5.25
N ILE C 173 -35.91 16.40 -4.76
CA ILE C 173 -35.60 16.34 -3.36
C ILE C 173 -36.54 17.28 -2.60
N LEU C 174 -36.83 18.44 -3.19
CA LEU C 174 -37.75 19.41 -2.63
C LEU C 174 -39.16 18.86 -2.51
N LEU C 175 -39.50 18.01 -3.45
CA LEU C 175 -40.84 17.45 -3.54
C LEU C 175 -40.97 16.17 -2.73
N GLY C 176 -39.96 15.85 -1.93
CA GLY C 176 -40.11 14.83 -0.91
C GLY C 176 -39.76 13.41 -1.31
N CYS C 177 -39.03 13.24 -2.39
CA CYS C 177 -38.78 11.87 -2.73
C CYS C 177 -37.67 11.25 -1.87
N LYS C 178 -37.56 9.92 -1.97
CA LYS C 178 -37.04 9.08 -0.88
C LYS C 178 -35.52 8.84 -1.01
N TYR C 179 -35.03 8.94 -2.25
CA TYR C 179 -33.64 8.63 -2.55
C TYR C 179 -33.00 9.73 -3.42
N TYR C 180 -31.72 9.98 -3.20
CA TYR C 180 -30.95 10.72 -4.20
C TYR C 180 -30.68 9.84 -5.42
N SER C 181 -30.37 10.51 -6.54
CA SER C 181 -29.73 9.87 -7.68
C SER C 181 -28.63 10.82 -8.16
N THR C 182 -27.89 10.41 -9.19
CA THR C 182 -26.79 11.23 -9.72
C THR C 182 -27.31 12.52 -10.31
N ALA C 183 -28.60 12.50 -10.65
CA ALA C 183 -29.24 13.65 -11.25
C ALA C 183 -29.23 14.90 -10.38
N VAL C 184 -29.09 14.78 -9.06
CA VAL C 184 -29.08 15.98 -8.21
C VAL C 184 -27.84 16.78 -8.47
N ASP C 185 -26.72 16.07 -8.72
CA ASP C 185 -25.44 16.76 -8.99
C ASP C 185 -25.53 17.55 -10.29
N ILE C 186 -26.07 16.97 -11.35
CA ILE C 186 -26.26 17.68 -12.61
C ILE C 186 -27.18 18.91 -12.46
N TRP C 187 -28.21 18.83 -11.63
CA TRP C 187 -29.10 19.96 -11.40
C TRP C 187 -28.32 21.12 -10.75
N SER C 188 -27.56 20.78 -9.73
CA SER C 188 -26.67 21.76 -9.12
C SER C 188 -25.75 22.43 -10.13
N LEU C 189 -25.14 21.63 -10.98
CA LEU C 189 -24.18 22.16 -11.93
C LEU C 189 -24.91 22.97 -12.99
N GLY C 190 -26.18 22.62 -13.22
CA GLY C 190 -27.07 23.44 -14.02
C GLY C 190 -27.19 24.84 -13.49
N CYS C 191 -27.44 24.93 -12.19
CA CYS C 191 -27.69 26.20 -11.50
C CYS C 191 -26.43 27.02 -11.52
N ILE C 192 -25.29 26.35 -11.29
CA ILE C 192 -23.99 27.04 -11.28
C ILE C 192 -23.67 27.57 -12.66
N PHE C 193 -24.01 26.80 -13.69
CA PHE C 193 -23.70 27.17 -15.05
C PHE C 193 -24.39 28.52 -15.32
N ALA C 194 -25.65 28.59 -14.91
CA ALA C 194 -26.50 29.72 -15.21
C ALA C 194 -26.01 30.93 -14.41
N GLU C 195 -25.53 30.67 -13.19
CA GLU C 195 -25.14 31.72 -12.26
C GLU C 195 -23.87 32.33 -12.78
N MET C 196 -23.00 31.52 -13.37
CA MET C 196 -21.85 32.11 -14.01
C MET C 196 -22.30 33.08 -15.07
N VAL C 197 -23.36 32.74 -15.78
CA VAL C 197 -23.65 33.42 -17.05
C VAL C 197 -24.41 34.74 -16.77
N THR C 198 -25.41 34.68 -15.89
CA THR C 198 -26.15 35.85 -15.48
C THR C 198 -25.57 36.63 -14.30
N ARG C 199 -24.58 36.08 -13.61
CA ARG C 199 -23.91 36.80 -12.51
C ARG C 199 -24.77 36.87 -11.25
N ARG C 200 -25.73 35.97 -11.14
CA ARG C 200 -26.82 36.12 -10.19
C ARG C 200 -27.29 34.69 -9.95
N ALA C 201 -27.46 34.30 -8.69
CA ALA C 201 -28.00 32.98 -8.39
C ALA C 201 -29.36 32.73 -9.07
N LEU C 202 -29.57 31.53 -9.60
CA LEU C 202 -30.73 31.27 -10.43
C LEU C 202 -31.97 31.18 -9.56
N PHE C 203 -31.86 30.39 -8.49
CA PHE C 203 -32.99 30.05 -7.67
C PHE C 203 -32.66 30.30 -6.20
N PRO C 204 -32.51 31.56 -5.80
CA PRO C 204 -32.02 31.90 -4.45
C PRO C 204 -33.16 31.93 -3.41
N GLY C 205 -33.77 30.78 -3.15
CA GLY C 205 -34.89 30.70 -2.23
C GLY C 205 -34.52 30.66 -0.76
N ASP C 206 -35.48 31.03 0.08
CA ASP C 206 -35.28 31.41 1.49
C ASP C 206 -35.69 30.24 2.40
N SER C 207 -36.37 29.27 1.81
CA SER C 207 -36.98 28.15 2.53
C SER C 207 -37.35 27.11 1.48
N GLU C 208 -37.78 25.93 1.92
CA GLU C 208 -38.16 24.88 0.99
C GLU C 208 -39.23 25.37 0.01
N ILE C 209 -40.35 25.90 0.52
CA ILE C 209 -41.48 26.24 -0.35
C ILE C 209 -41.16 27.45 -1.25
N ASP C 210 -40.33 28.34 -0.72
CA ASP C 210 -39.84 29.44 -1.51
C ASP C 210 -38.91 29.05 -2.66
N GLN C 211 -38.14 27.98 -2.45
CA GLN C 211 -37.17 27.46 -3.44
C GLN C 211 -37.91 26.82 -4.59
N LEU C 212 -38.91 26.01 -4.27
CA LEU C 212 -39.78 25.41 -5.28
C LEU C 212 -40.43 26.45 -6.18
N PHE C 213 -40.84 27.59 -5.62
CA PHE C 213 -41.75 28.46 -6.39
C PHE C 213 -40.81 29.24 -7.29
N ARG C 214 -39.65 29.56 -6.71
CA ARG C 214 -38.55 30.14 -7.50
C ARG C 214 -38.21 29.32 -8.71
N ILE C 215 -38.11 28.01 -8.51
CA ILE C 215 -37.98 27.09 -9.63
C ILE C 215 -39.18 27.17 -10.58
N PHE C 216 -40.39 27.07 -10.03
CA PHE C 216 -41.64 27.00 -10.80
C PHE C 216 -41.79 28.22 -11.73
N ARG C 217 -41.41 29.39 -11.22
CA ARG C 217 -41.75 30.60 -11.95
C ARG C 217 -40.71 30.85 -13.00
N THR C 218 -39.69 30.00 -13.04
CA THR C 218 -38.72 30.06 -14.13
C THR C 218 -38.92 28.92 -15.15
N LEU C 219 -39.21 27.71 -14.67
CA LEU C 219 -39.28 26.57 -15.58
C LEU C 219 -40.69 26.15 -15.82
N GLY C 220 -41.62 26.80 -15.12
CA GLY C 220 -43.01 26.35 -15.10
C GLY C 220 -43.38 25.36 -14.01
N THR C 221 -44.67 25.05 -13.91
CA THR C 221 -45.11 24.14 -12.88
C THR C 221 -45.15 22.74 -13.47
N PRO C 222 -44.41 21.84 -12.83
CA PRO C 222 -44.37 20.45 -13.29
C PRO C 222 -45.78 19.84 -13.41
N ASP C 223 -46.05 19.14 -14.50
CA ASP C 223 -47.26 18.34 -14.66
C ASP C 223 -46.91 16.90 -15.07
N GLU C 224 -47.91 16.05 -15.21
CA GLU C 224 -47.65 14.61 -15.35
C GLU C 224 -47.07 14.27 -16.71
N VAL C 225 -47.39 15.07 -17.71
CA VAL C 225 -46.79 14.98 -19.04
C VAL C 225 -45.29 15.29 -19.00
N VAL C 226 -44.91 16.45 -18.46
CA VAL C 226 -43.49 16.75 -18.17
C VAL C 226 -42.83 15.71 -17.27
N TRP C 227 -43.49 15.37 -16.16
CA TRP C 227 -42.87 14.55 -15.13
C TRP C 227 -43.91 13.60 -14.56
N PRO C 228 -44.06 12.42 -15.18
CA PRO C 228 -44.94 11.37 -14.65
C PRO C 228 -44.60 11.07 -13.22
N GLY C 229 -45.58 11.20 -12.33
CA GLY C 229 -45.40 10.83 -10.93
C GLY C 229 -45.51 12.04 -10.04
N VAL C 230 -45.32 13.22 -10.63
CA VAL C 230 -45.02 14.38 -9.81
C VAL C 230 -46.17 14.82 -8.89
N THR C 231 -47.41 14.65 -9.33
CA THR C 231 -48.56 14.98 -8.48
C THR C 231 -48.76 13.98 -7.37
N SER C 232 -48.17 12.79 -7.49
CA SER C 232 -48.28 11.79 -6.42
C SER C 232 -47.10 11.79 -5.44
N MET C 233 -46.32 12.87 -5.41
CA MET C 233 -45.12 12.90 -4.58
C MET C 233 -45.40 13.63 -3.26
N PRO C 234 -44.74 13.22 -2.18
CA PRO C 234 -45.11 13.62 -0.82
C PRO C 234 -45.34 15.10 -0.57
N ASP C 235 -44.58 15.99 -1.20
CA ASP C 235 -44.63 17.38 -0.76
C ASP C 235 -45.22 18.24 -1.86
N TYR C 236 -45.82 17.57 -2.85
CA TYR C 236 -46.62 18.21 -3.89
C TYR C 236 -47.93 18.67 -3.28
N LYS C 237 -48.43 19.82 -3.75
CA LYS C 237 -49.77 20.29 -3.44
C LYS C 237 -50.54 20.63 -4.73
N PRO C 238 -51.82 20.25 -4.81
CA PRO C 238 -52.62 20.59 -6.00
C PRO C 238 -53.02 22.06 -5.99
N SER C 239 -52.64 22.75 -4.92
CA SER C 239 -52.89 24.18 -4.79
C SER C 239 -51.68 25.04 -5.15
N PHE C 240 -50.66 24.39 -5.71
CA PHE C 240 -49.51 25.12 -6.21
C PHE C 240 -50.02 26.00 -7.35
N PRO C 241 -49.43 27.17 -7.49
CA PRO C 241 -49.75 28.05 -8.61
C PRO C 241 -49.50 27.28 -9.88
N LYS C 242 -50.18 27.67 -10.96
CA LYS C 242 -50.04 26.97 -12.23
C LYS C 242 -49.40 27.91 -13.22
N TRP C 243 -48.06 27.92 -13.23
CA TRP C 243 -47.27 28.86 -14.03
C TRP C 243 -46.66 28.16 -15.23
N ALA C 244 -46.41 28.93 -16.29
CA ALA C 244 -46.01 28.37 -17.57
C ALA C 244 -44.51 28.52 -17.81
N ARG C 245 -43.99 27.66 -18.67
CA ARG C 245 -42.57 27.63 -18.93
C ARG C 245 -42.21 28.87 -19.71
N GLN C 246 -41.49 29.76 -19.07
CA GLN C 246 -41.00 30.94 -19.76
C GLN C 246 -39.75 30.56 -20.52
N ASP C 247 -39.45 31.35 -21.54
CA ASP C 247 -38.63 30.89 -22.63
C ASP C 247 -37.17 31.17 -22.31
N PHE C 248 -36.34 30.15 -22.56
CA PHE C 248 -34.95 30.21 -22.10
C PHE C 248 -34.21 31.44 -22.59
N SER C 249 -34.53 31.84 -23.82
CA SER C 249 -33.99 33.05 -24.42
C SER C 249 -33.93 34.26 -23.48
N LYS C 250 -34.67 34.24 -22.37
CA LYS C 250 -34.76 35.43 -21.54
C LYS C 250 -34.35 35.11 -20.10
N VAL C 251 -34.21 33.81 -19.82
CA VAL C 251 -33.60 33.31 -18.59
C VAL C 251 -32.07 33.44 -18.55
N VAL C 252 -31.39 32.99 -19.61
CA VAL C 252 -29.97 33.23 -19.74
C VAL C 252 -29.69 33.81 -21.11
N PRO C 253 -29.99 35.09 -21.28
CA PRO C 253 -29.86 35.79 -22.57
C PRO C 253 -28.52 35.63 -23.29
N PRO C 254 -27.38 35.78 -22.61
CA PRO C 254 -26.08 35.81 -23.26
C PRO C 254 -25.58 34.51 -23.88
N LEU C 255 -26.36 33.46 -23.77
CA LEU C 255 -25.94 32.11 -24.07
C LEU C 255 -26.48 31.84 -25.44
N ASP C 256 -25.82 31.00 -26.20
CA ASP C 256 -26.19 30.80 -27.59
C ASP C 256 -27.02 29.51 -27.61
N GLU C 257 -27.22 28.93 -28.78
CA GLU C 257 -28.26 27.91 -28.92
C GLU C 257 -27.79 26.57 -28.35
N ASP C 258 -26.50 26.27 -28.50
CA ASP C 258 -25.94 25.06 -27.92
C ASP C 258 -25.93 25.13 -26.39
N GLY C 259 -25.52 26.24 -25.81
CA GLY C 259 -25.59 26.40 -24.37
C GLY C 259 -26.99 26.29 -23.78
N ARG C 260 -28.00 26.81 -24.48
CA ARG C 260 -29.33 26.88 -23.90
C ARG C 260 -29.93 25.50 -23.98
N SER C 261 -29.72 24.82 -25.10
CA SER C 261 -30.03 23.40 -25.21
C SER C 261 -29.42 22.55 -24.07
N LEU C 262 -28.17 22.81 -23.74
CA LEU C 262 -27.53 22.01 -22.72
C LEU C 262 -28.13 22.35 -21.35
N LEU C 263 -28.24 23.62 -21.02
CA LEU C 263 -28.63 24.02 -19.67
C LEU C 263 -30.05 23.54 -19.39
N SER C 264 -30.85 23.57 -20.45
CA SER C 264 -32.21 23.08 -20.42
C SER C 264 -32.31 21.57 -20.21
N GLN C 265 -31.34 20.81 -20.67
CA GLN C 265 -31.30 19.37 -20.41
C GLN C 265 -30.75 19.09 -19.01
N MET C 266 -29.88 19.97 -18.53
CA MET C 266 -29.42 19.89 -17.15
C MET C 266 -30.50 20.23 -16.11
N LEU C 267 -31.50 21.01 -16.50
CA LEU C 267 -32.60 21.42 -15.62
C LEU C 267 -33.95 20.84 -16.02
N HIS C 268 -33.94 19.74 -16.75
CA HIS C 268 -35.13 18.89 -16.86
C HIS C 268 -35.73 18.47 -15.51
N TYR C 269 -37.05 18.59 -15.38
CA TYR C 269 -37.69 18.28 -14.10
C TYR C 269 -37.45 16.82 -13.69
N ASP C 270 -37.67 15.89 -14.61
CA ASP C 270 -37.72 14.45 -14.30
C ASP C 270 -36.30 13.88 -14.28
N PRO C 271 -35.90 13.39 -13.12
CA PRO C 271 -34.54 12.94 -12.86
C PRO C 271 -34.14 11.81 -13.79
N ASN C 272 -35.08 11.04 -14.33
CA ASN C 272 -34.73 9.99 -15.31
C ASN C 272 -34.42 10.51 -16.70
N LYS C 273 -34.90 11.71 -17.00
CA LYS C 273 -34.61 12.30 -18.32
C LYS C 273 -33.50 13.34 -18.26
N ARG C 274 -33.12 13.77 -17.06
CA ARG C 274 -32.08 14.77 -16.92
C ARG C 274 -30.76 14.22 -17.45
N ILE C 275 -30.03 15.03 -18.20
CA ILE C 275 -28.88 14.52 -18.92
C ILE C 275 -27.84 14.07 -17.88
N SER C 276 -27.21 12.94 -18.13
CA SER C 276 -26.07 12.56 -17.32
C SER C 276 -24.84 13.38 -17.66
N ALA C 277 -23.86 13.31 -16.79
CA ALA C 277 -22.55 13.87 -17.07
C ALA C 277 -21.82 13.35 -18.32
N LYS C 278 -21.76 12.04 -18.49
CA LYS C 278 -21.13 11.47 -19.67
C LYS C 278 -21.74 12.10 -20.89
N ALA C 279 -23.06 12.01 -21.01
CA ALA C 279 -23.76 12.53 -22.20
C ALA C 279 -23.61 14.05 -22.39
N ALA C 280 -23.60 14.82 -21.30
CA ALA C 280 -23.37 16.25 -21.40
C ALA C 280 -22.01 16.53 -21.99
N LEU C 281 -21.02 15.73 -21.61
CA LEU C 281 -19.69 15.90 -22.24
C LEU C 281 -19.69 15.83 -23.76
N ALA C 282 -20.68 15.15 -24.33
CA ALA C 282 -20.73 14.88 -25.76
C ALA C 282 -21.67 15.87 -26.45
N HIS C 283 -22.14 16.85 -25.72
CA HIS C 283 -22.93 17.92 -26.30
C HIS C 283 -22.08 18.79 -27.22
N PRO C 284 -22.69 19.21 -28.33
CA PRO C 284 -22.00 20.06 -29.30
C PRO C 284 -21.50 21.42 -28.76
N PHE C 285 -22.16 21.96 -27.75
CA PHE C 285 -21.63 23.08 -26.99
C PHE C 285 -20.13 22.98 -26.71
N PHE C 286 -19.68 21.78 -26.35
CA PHE C 286 -18.29 21.59 -26.00
C PHE C 286 -17.35 21.29 -27.19
N GLN C 287 -17.83 21.43 -28.42
CA GLN C 287 -17.01 21.04 -29.58
C GLN C 287 -15.83 21.97 -29.74
N ASP C 288 -15.97 23.20 -29.29
CA ASP C 288 -14.98 24.21 -29.55
C ASP C 288 -14.46 24.75 -28.23
N VAL C 289 -14.38 23.89 -27.22
CA VAL C 289 -13.89 24.26 -25.88
C VAL C 289 -12.36 24.40 -25.89
N THR C 290 -11.88 25.43 -25.21
CA THR C 290 -10.46 25.74 -25.13
C THR C 290 -10.08 25.79 -23.66
N LYS C 291 -8.86 26.19 -23.33
CA LYS C 291 -8.51 26.30 -21.90
C LYS C 291 -7.96 27.67 -21.52
N PRO C 292 -8.85 28.64 -21.35
CA PRO C 292 -8.40 29.99 -21.03
C PRO C 292 -8.03 30.10 -19.56
N VAL C 293 -7.22 31.11 -19.24
CA VAL C 293 -6.88 31.41 -17.85
C VAL C 293 -7.60 32.64 -17.31
N PRO C 294 -8.02 32.58 -16.05
CA PRO C 294 -8.78 33.67 -15.41
C PRO C 294 -7.93 34.90 -15.12
N HIS C 295 -8.52 36.08 -15.23
CA HIS C 295 -7.89 37.31 -14.73
C HIS C 295 -8.18 37.43 -13.22
N LEU C 296 -7.15 37.24 -12.40
CA LEU C 296 -7.33 36.91 -10.97
C LEU C 296 -7.41 38.14 -10.04
N VAL D 3 -31.63 3.88 -17.12
CA VAL D 3 -30.53 2.97 -16.68
C VAL D 3 -29.23 3.75 -16.62
N PRO D 4 -28.75 4.05 -15.42
CA PRO D 4 -27.37 4.53 -15.30
C PRO D 4 -26.61 4.10 -16.57
N ASP D 5 -26.08 5.06 -17.33
CA ASP D 5 -24.91 4.79 -18.16
C ASP D 5 -23.58 4.69 -17.38
N TYR D 6 -23.65 4.27 -16.13
CA TYR D 6 -22.49 3.79 -15.39
C TYR D 6 -22.80 2.62 -14.46
N HIS D 7 -23.99 2.03 -14.57
CA HIS D 7 -24.21 0.68 -14.05
C HIS D 7 -22.99 -0.19 -14.43
N GLU D 8 -22.65 -0.26 -15.71
CA GLU D 8 -21.53 -1.11 -16.17
C GLU D 8 -20.20 -0.73 -15.52
N ASP D 9 -19.93 0.57 -15.51
CA ASP D 9 -18.69 1.15 -14.98
C ASP D 9 -18.56 0.93 -13.48
N ILE D 10 -19.66 1.12 -12.76
CA ILE D 10 -19.71 0.84 -11.34
C ILE D 10 -19.50 -0.63 -11.01
N HIS D 11 -20.32 -1.47 -11.64
CA HIS D 11 -20.16 -2.91 -11.44
C HIS D 11 -18.75 -3.35 -11.73
N THR D 12 -18.20 -2.86 -12.84
CA THR D 12 -16.80 -3.10 -13.17
C THR D 12 -15.85 -2.61 -12.07
N TYR D 13 -16.05 -1.40 -11.60
CA TYR D 13 -15.27 -0.80 -10.52
C TYR D 13 -15.40 -1.59 -9.22
N LEU D 14 -16.63 -1.85 -8.76
CA LEU D 14 -16.85 -2.73 -7.62
C LEU D 14 -16.12 -4.09 -7.73
N ARG D 15 -16.06 -4.64 -8.92
CA ARG D 15 -15.36 -5.90 -9.17
C ARG D 15 -13.85 -5.73 -9.01
N GLU D 16 -13.35 -4.53 -9.24
CA GLU D 16 -11.95 -4.21 -8.99
C GLU D 16 -11.67 -4.05 -7.48
N MET D 17 -12.58 -3.36 -6.78
CA MET D 17 -12.38 -3.02 -5.37
C MET D 17 -12.50 -4.25 -4.47
N GLU D 18 -13.35 -5.22 -4.82
CA GLU D 18 -13.63 -6.33 -3.92
C GLU D 18 -12.42 -7.25 -3.86
N VAL D 19 -11.61 -7.22 -4.92
CA VAL D 19 -10.40 -8.02 -4.96
C VAL D 19 -9.32 -7.36 -4.11
N LYS D 20 -9.54 -6.09 -3.78
CA LYS D 20 -8.53 -5.33 -3.07
C LYS D 20 -8.93 -5.14 -1.60
N CYS D 21 -10.23 -5.11 -1.31
CA CYS D 21 -10.75 -5.04 0.06
C CYS D 21 -11.08 -6.43 0.65
N LYS D 22 -10.56 -7.50 0.06
CA LYS D 22 -10.62 -8.84 0.65
C LYS D 22 -9.74 -8.99 1.91
N PRO D 23 -10.35 -9.50 2.97
CA PRO D 23 -9.61 -10.05 4.12
C PRO D 23 -8.71 -11.16 3.70
N LYS D 24 -7.61 -11.37 4.39
CA LYS D 24 -6.81 -12.57 4.17
C LYS D 24 -7.64 -13.81 4.52
N VAL D 25 -7.58 -14.78 3.61
CA VAL D 25 -8.28 -16.05 3.76
C VAL D 25 -7.96 -16.71 5.11
N GLY D 26 -6.67 -16.82 5.40
CA GLY D 26 -6.16 -17.72 6.43
C GLY D 26 -6.36 -17.23 7.86
N TYR D 27 -6.59 -15.92 7.96
CA TYR D 27 -6.29 -15.12 9.13
C TYR D 27 -6.58 -15.77 10.49
N MET D 28 -7.71 -16.41 10.69
CA MET D 28 -8.12 -16.81 12.03
C MET D 28 -7.21 -17.93 12.58
N LYS D 29 -6.58 -18.67 11.67
CA LYS D 29 -5.69 -19.76 12.06
C LYS D 29 -4.39 -19.19 12.67
N LYS D 30 -4.14 -17.92 12.43
CA LYS D 30 -2.93 -17.24 12.90
C LYS D 30 -3.25 -16.29 14.05
N GLN D 31 -4.51 -16.17 14.42
CA GLN D 31 -4.89 -15.55 15.70
C GLN D 31 -4.79 -16.56 16.85
N PRO D 32 -3.88 -16.28 17.78
CA PRO D 32 -3.63 -17.13 18.95
C PRO D 32 -4.84 -17.33 19.91
N ASP D 33 -5.63 -16.30 20.15
CA ASP D 33 -6.62 -16.33 21.22
C ASP D 33 -8.09 -16.23 20.78
N ILE D 34 -8.34 -16.05 19.49
CA ILE D 34 -9.71 -16.03 19.03
C ILE D 34 -9.95 -17.01 17.89
N THR D 35 -11.22 -17.16 17.59
CA THR D 35 -11.71 -18.33 16.90
C THR D 35 -12.90 -17.95 15.99
N ASN D 36 -13.03 -18.65 14.86
CA ASN D 36 -14.23 -18.52 14.02
C ASN D 36 -15.59 -18.49 14.77
N SER D 37 -15.76 -19.36 15.75
CA SER D 37 -16.94 -19.37 16.62
C SER D 37 -17.12 -18.09 17.41
N MET D 38 -16.01 -17.52 17.86
CA MET D 38 -16.06 -16.25 18.59
C MET D 38 -16.54 -15.18 17.62
N ARG D 39 -15.98 -15.24 16.42
CA ARG D 39 -16.38 -14.34 15.35
C ARG D 39 -17.88 -14.50 15.03
N ALA D 40 -18.38 -15.74 14.97
CA ALA D 40 -19.83 -15.91 14.87
C ALA D 40 -20.60 -15.23 16.01
N ILE D 41 -20.13 -15.34 17.25
CA ILE D 41 -20.94 -14.81 18.33
C ILE D 41 -20.99 -13.32 18.12
N LEU D 42 -19.85 -12.76 17.70
CA LEU D 42 -19.71 -11.29 17.56
C LEU D 42 -20.61 -10.71 16.48
N VAL D 43 -20.60 -11.37 15.33
CA VAL D 43 -21.39 -10.88 14.23
C VAL D 43 -22.88 -11.02 14.55
N ASP D 44 -23.27 -12.16 15.11
CA ASP D 44 -24.66 -12.34 15.55
C ASP D 44 -25.08 -11.24 16.52
N TRP D 45 -24.21 -10.91 17.45
CA TRP D 45 -24.47 -9.76 18.32
C TRP D 45 -24.70 -8.46 17.52
N LEU D 46 -23.85 -8.26 16.50
CA LEU D 46 -23.90 -7.08 15.64
C LEU D 46 -25.26 -6.95 14.99
N VAL D 47 -25.81 -8.07 14.54
CA VAL D 47 -27.13 -8.02 13.96
C VAL D 47 -28.18 -7.45 14.93
N GLU D 48 -28.15 -7.92 16.18
CA GLU D 48 -29.14 -7.50 17.17
C GLU D 48 -28.97 -6.03 17.41
N VAL D 49 -27.74 -5.56 17.53
CA VAL D 49 -27.50 -4.13 17.66
C VAL D 49 -28.03 -3.39 16.43
N GLY D 50 -27.93 -4.03 15.27
CA GLY D 50 -28.55 -3.53 14.05
C GLY D 50 -30.05 -3.20 14.25
N GLU D 51 -30.74 -4.17 14.82
CA GLU D 51 -32.19 -4.07 14.99
C GLU D 51 -32.59 -3.11 16.11
N GLU D 52 -31.86 -3.15 17.22
CA GLU D 52 -32.18 -2.25 18.31
C GLU D 52 -32.06 -0.80 17.86
N TYR D 53 -31.07 -0.50 17.04
CA TYR D 53 -30.79 0.90 16.72
C TYR D 53 -31.32 1.26 15.35
N LYS D 54 -31.97 0.29 14.71
CA LYS D 54 -32.58 0.48 13.39
C LYS D 54 -31.60 0.95 12.31
N LEU D 55 -30.45 0.28 12.24
CA LEU D 55 -29.40 0.61 11.30
C LEU D 55 -29.66 -0.18 10.02
N GLN D 56 -29.17 0.31 8.89
CA GLN D 56 -29.42 -0.31 7.59
C GLN D 56 -28.66 -1.61 7.51
N ASN D 57 -29.06 -2.52 6.63
CA ASN D 57 -28.32 -3.75 6.43
C ASN D 57 -26.90 -3.50 5.93
N GLU D 58 -26.70 -2.41 5.20
CA GLU D 58 -25.41 -2.12 4.59
C GLU D 58 -24.38 -1.81 5.68
N THR D 59 -24.85 -1.30 6.80
CA THR D 59 -23.96 -0.96 7.86
C THR D 59 -23.38 -2.20 8.50
N LEU D 60 -24.26 -3.15 8.68
CA LEU D 60 -23.87 -4.46 9.17
C LEU D 60 -22.76 -5.01 8.32
N HIS D 61 -22.94 -4.99 7.01
CA HIS D 61 -22.00 -5.65 6.09
C HIS D 61 -20.65 -4.94 6.14
N LEU D 62 -20.69 -3.62 6.18
CA LEU D 62 -19.46 -2.84 6.28
C LEU D 62 -18.70 -3.13 7.59
N ALA D 63 -19.42 -3.16 8.69
CA ALA D 63 -18.79 -3.39 9.97
C ALA D 63 -18.08 -4.72 9.97
N VAL D 64 -18.67 -5.71 9.32
CA VAL D 64 -18.07 -7.03 9.21
C VAL D 64 -16.80 -6.99 8.34
N ASN D 65 -16.87 -6.34 7.19
CA ASN D 65 -15.69 -6.22 6.31
C ASN D 65 -14.57 -5.59 7.10
N TYR D 66 -14.88 -4.59 7.94
CA TYR D 66 -13.85 -3.88 8.69
C TYR D 66 -13.19 -4.79 9.72
N ILE D 67 -14.04 -5.52 10.44
CA ILE D 67 -13.60 -6.51 11.44
C ILE D 67 -12.63 -7.52 10.87
N ASP D 68 -12.95 -8.09 9.71
CA ASP D 68 -12.12 -9.13 9.13
C ASP D 68 -10.82 -8.60 8.54
N ARG D 69 -10.84 -7.39 7.99
CA ARG D 69 -9.59 -6.74 7.61
C ARG D 69 -8.76 -6.37 8.86
N PHE D 70 -9.38 -5.88 9.92
CA PHE D 70 -8.63 -5.51 11.13
C PHE D 70 -7.92 -6.79 11.67
N LEU D 71 -8.71 -7.83 11.85
CA LEU D 71 -8.21 -9.12 12.34
C LEU D 71 -7.23 -9.81 11.40
N SER D 72 -7.25 -9.48 10.12
CA SER D 72 -6.18 -9.87 9.20
C SER D 72 -4.78 -9.28 9.44
N SER D 73 -4.67 -8.15 10.12
CA SER D 73 -3.34 -7.63 10.49
C SER D 73 -3.01 -7.44 11.97
N MET D 74 -3.99 -7.51 12.87
CA MET D 74 -3.70 -7.34 14.29
C MET D 74 -4.13 -8.56 15.08
N SER D 75 -3.27 -8.99 15.98
CA SER D 75 -3.66 -10.03 16.96
C SER D 75 -4.58 -9.39 17.96
N VAL D 76 -5.68 -10.06 18.29
CA VAL D 76 -6.62 -9.51 19.27
C VAL D 76 -6.96 -10.52 20.34
N LEU D 77 -6.88 -10.11 21.58
CA LEU D 77 -7.34 -10.98 22.68
C LEU D 77 -8.86 -11.08 22.77
N ARG D 78 -9.36 -12.15 23.37
CA ARG D 78 -10.78 -12.45 23.24
C ARG D 78 -11.64 -11.41 23.97
N GLY D 79 -11.14 -10.94 25.11
CA GLY D 79 -11.88 -9.92 25.86
C GLY D 79 -11.78 -8.53 25.29
N LYS D 80 -11.01 -8.38 24.22
CA LYS D 80 -11.07 -7.15 23.41
C LYS D 80 -11.90 -7.25 22.11
N LEU D 81 -12.21 -8.47 21.71
CA LEU D 81 -12.84 -8.70 20.43
C LEU D 81 -14.09 -7.80 20.26
N GLN D 82 -14.83 -7.57 21.34
CA GLN D 82 -16.13 -6.96 21.23
C GLN D 82 -15.94 -5.46 21.10
N LEU D 83 -14.78 -4.99 21.53
CA LEU D 83 -14.46 -3.58 21.43
C LEU D 83 -14.10 -3.28 19.97
N VAL D 84 -13.49 -4.26 19.28
CA VAL D 84 -13.24 -4.18 17.86
C VAL D 84 -14.55 -4.10 17.10
N GLY D 85 -15.49 -4.94 17.47
CA GLY D 85 -16.80 -4.97 16.83
C GLY D 85 -17.66 -3.74 17.09
N THR D 86 -17.52 -3.17 18.27
CA THR D 86 -18.20 -1.94 18.57
C THR D 86 -17.72 -0.75 17.78
N ALA D 87 -16.40 -0.65 17.66
CA ALA D 87 -15.78 0.44 16.89
C ALA D 87 -16.10 0.34 15.43
N ALA D 88 -16.14 -0.91 14.94
CA ALA D 88 -16.40 -1.20 13.55
C ALA D 88 -17.82 -0.76 13.23
N MET D 89 -18.79 -1.17 14.05
CA MET D 89 -20.17 -0.71 13.95
C MET D 89 -20.28 0.81 14.03
N LEU D 90 -19.61 1.41 14.99
CA LEU D 90 -19.63 2.88 15.04
C LEU D 90 -19.13 3.47 13.71
N LEU D 91 -18.07 2.93 13.12
CA LEU D 91 -17.47 3.51 11.93
C LEU D 91 -18.36 3.23 10.69
N ALA D 92 -18.80 1.98 10.55
CA ALA D 92 -19.77 1.68 9.52
C ALA D 92 -20.91 2.70 9.64
N SER D 93 -21.36 2.99 10.86
CA SER D 93 -22.53 3.84 11.09
C SER D 93 -22.25 5.28 10.69
N LYS D 94 -21.03 5.74 10.89
CA LYS D 94 -20.69 7.09 10.47
C LYS D 94 -20.63 7.21 8.95
N PHE D 95 -20.30 6.09 8.33
CA PHE D 95 -20.15 6.07 6.90
C PHE D 95 -21.49 6.10 6.19
N GLU D 96 -22.40 5.25 6.64
CA GLU D 96 -23.51 4.80 5.79
C GLU D 96 -24.85 5.31 6.28
N GLU D 97 -24.96 5.75 7.53
CA GLU D 97 -26.25 6.20 8.08
C GLU D 97 -26.36 7.71 7.92
N ILE D 98 -27.61 8.22 7.88
CA ILE D 98 -27.82 9.67 7.79
C ILE D 98 -27.31 10.27 9.08
N TYR D 99 -27.65 9.63 10.19
CA TYR D 99 -27.30 10.09 11.54
C TYR D 99 -26.98 8.87 12.34
N PRO D 100 -25.72 8.75 12.73
CA PRO D 100 -25.29 7.63 13.58
C PRO D 100 -25.87 7.69 15.01
N PRO D 101 -26.02 6.53 15.61
CA PRO D 101 -26.16 6.47 17.07
C PRO D 101 -24.97 7.14 17.75
N GLU D 102 -25.20 7.84 18.86
CA GLU D 102 -24.16 8.57 19.58
C GLU D 102 -23.19 7.57 20.25
N VAL D 103 -21.94 7.97 20.50
CA VAL D 103 -20.93 6.99 20.88
C VAL D 103 -21.35 6.39 22.20
N ALA D 104 -21.97 7.22 23.06
CA ALA D 104 -22.44 6.75 24.36
C ALA D 104 -23.36 5.55 24.23
N GLU D 105 -24.11 5.51 23.14
CA GLU D 105 -24.98 4.37 22.82
C GLU D 105 -24.14 3.13 22.61
N PHE D 106 -22.95 3.30 22.04
CA PHE D 106 -22.12 2.14 21.65
C PHE D 106 -21.42 1.58 22.89
N VAL D 107 -20.95 2.46 23.77
CA VAL D 107 -20.69 2.11 25.16
C VAL D 107 -21.86 1.32 25.79
N TYR D 108 -23.05 1.93 25.75
CA TYR D 108 -24.16 1.45 26.55
C TYR D 108 -24.51 0.02 26.18
N ILE D 109 -24.50 -0.33 24.91
CA ILE D 109 -24.92 -1.67 24.50
C ILE D 109 -23.86 -2.72 24.76
N THR D 110 -22.69 -2.32 25.23
CA THR D 110 -21.76 -3.29 25.79
C THR D 110 -21.94 -3.53 27.29
N ASP D 111 -22.96 -2.94 27.91
CA ASP D 111 -23.14 -3.11 29.35
C ASP D 111 -21.98 -2.43 30.11
N ASP D 112 -21.61 -1.23 29.70
CA ASP D 112 -20.42 -0.62 30.26
C ASP D 112 -19.18 -1.54 30.36
N THR D 113 -19.05 -2.51 29.46
CA THR D 113 -17.79 -3.25 29.29
C THR D 113 -16.55 -2.43 28.90
N TYR D 114 -16.73 -1.41 28.09
CA TYR D 114 -15.62 -0.52 27.78
C TYR D 114 -16.11 0.88 28.12
N THR D 115 -15.18 1.81 28.23
CA THR D 115 -15.52 3.21 28.40
C THR D 115 -15.47 3.93 27.06
N LYS D 116 -15.82 5.20 27.14
CA LYS D 116 -15.93 6.04 25.98
C LYS D 116 -14.53 6.09 25.40
N LYS D 117 -13.56 6.22 26.29
CA LYS D 117 -12.24 6.60 25.83
C LYS D 117 -11.75 5.43 24.98
N GLN D 118 -11.99 4.23 25.47
CA GLN D 118 -11.61 3.04 24.76
C GLN D 118 -12.20 2.90 23.38
N VAL D 119 -13.51 3.07 23.29
CA VAL D 119 -14.20 3.05 22.01
C VAL D 119 -13.64 4.05 21.02
N LEU D 120 -13.58 5.32 21.39
CA LEU D 120 -12.95 6.34 20.55
C LEU D 120 -11.50 6.07 20.16
N ARG D 121 -10.79 5.40 21.05
CA ARG D 121 -9.39 5.13 20.80
C ARG D 121 -9.29 3.94 19.85
N MET D 122 -10.22 3.00 19.96
CA MET D 122 -10.29 1.90 19.02
C MET D 122 -10.73 2.31 17.63
N GLU D 123 -11.60 3.32 17.53
CA GLU D 123 -12.10 3.84 16.25
C GLU D 123 -10.89 4.34 15.49
N HIS D 124 -10.10 5.13 16.19
CA HIS D 124 -8.93 5.70 15.60
C HIS D 124 -8.03 4.56 15.11
N LEU D 125 -7.83 3.53 15.93
CA LEU D 125 -6.83 2.54 15.55
C LEU D 125 -7.36 1.71 14.38
N VAL D 126 -8.67 1.48 14.37
CA VAL D 126 -9.28 0.76 13.26
C VAL D 126 -9.07 1.53 11.96
N LEU D 127 -9.27 2.85 12.03
CA LEU D 127 -9.05 3.74 10.90
C LEU D 127 -7.64 3.60 10.40
N LYS D 128 -6.68 3.70 11.31
CA LYS D 128 -5.28 3.67 10.91
C LYS D 128 -4.97 2.32 10.27
N VAL D 129 -5.51 1.23 10.81
CA VAL D 129 -5.19 -0.06 10.25
C VAL D 129 -5.86 -0.26 8.90
N LEU D 130 -7.02 0.35 8.74
CA LEU D 130 -7.73 0.20 7.47
C LEU D 130 -7.26 1.24 6.50
N THR D 131 -6.27 2.04 6.88
CA THR D 131 -5.87 3.27 6.20
C THR D 131 -7.04 4.07 5.61
N PHE D 132 -8.09 4.24 6.41
CA PHE D 132 -9.25 5.05 6.07
C PHE D 132 -9.93 4.58 4.81
N ASP D 133 -9.67 3.35 4.37
CA ASP D 133 -10.38 2.78 3.21
C ASP D 133 -11.67 2.08 3.57
N LEU D 134 -12.76 2.80 3.62
CA LEU D 134 -13.97 2.34 4.26
C LEU D 134 -15.08 1.99 3.25
N ALA D 135 -14.90 2.33 1.98
CA ALA D 135 -16.00 2.19 1.04
C ALA D 135 -15.89 0.81 0.41
N ALA D 136 -16.07 -0.22 1.22
CA ALA D 136 -15.82 -1.55 0.69
C ALA D 136 -17.07 -2.10 0.02
N PRO D 137 -16.89 -2.78 -1.10
CA PRO D 137 -17.96 -3.54 -1.73
C PRO D 137 -18.51 -4.63 -0.84
N THR D 138 -19.82 -4.85 -0.82
CA THR D 138 -20.47 -5.86 0.02
C THR D 138 -21.36 -6.83 -0.77
N VAL D 139 -21.62 -7.99 -0.18
CA VAL D 139 -22.66 -8.83 -0.71
C VAL D 139 -23.92 -8.01 -0.98
N ASN D 140 -24.33 -7.19 -0.03
CA ASN D 140 -25.49 -6.29 -0.14
C ASN D 140 -25.42 -5.44 -1.41
N GLN D 141 -24.24 -4.93 -1.72
CA GLN D 141 -24.11 -4.06 -2.88
C GLN D 141 -24.41 -4.87 -4.14
N PHE D 142 -23.81 -6.04 -4.24
CA PHE D 142 -23.92 -6.79 -5.49
C PHE D 142 -25.33 -7.34 -5.68
N LEU D 143 -25.94 -7.75 -4.56
CA LEU D 143 -27.34 -8.11 -4.60
C LEU D 143 -28.12 -6.96 -5.16
N THR D 144 -27.85 -5.75 -4.69
CA THR D 144 -28.72 -4.63 -5.02
C THR D 144 -28.60 -4.39 -6.53
N GLN D 145 -27.40 -4.46 -7.08
CA GLN D 145 -27.27 -4.46 -8.52
C GLN D 145 -28.11 -5.62 -9.11
N TYR D 146 -27.83 -6.85 -8.67
CA TYR D 146 -28.34 -8.03 -9.38
C TYR D 146 -29.87 -7.96 -9.49
N PHE D 147 -30.52 -7.36 -8.50
CA PHE D 147 -31.97 -7.27 -8.53
C PHE D 147 -32.51 -6.56 -9.77
N LEU D 148 -31.71 -5.74 -10.45
CA LEU D 148 -32.25 -4.99 -11.58
C LEU D 148 -32.57 -5.91 -12.78
N HIS D 149 -32.08 -7.15 -12.74
CA HIS D 149 -32.23 -8.09 -13.83
C HIS D 149 -33.28 -9.11 -13.49
N GLN D 150 -34.24 -8.70 -12.65
CA GLN D 150 -35.38 -9.54 -12.33
C GLN D 150 -36.48 -9.28 -13.34
N GLN D 151 -37.25 -10.33 -13.65
CA GLN D 151 -38.42 -10.25 -14.51
C GLN D 151 -39.52 -11.24 -14.10
N PRO D 152 -40.54 -10.73 -13.44
CA PRO D 152 -40.49 -9.36 -12.90
C PRO D 152 -39.94 -9.37 -11.45
N ALA D 153 -40.03 -8.21 -10.80
CA ALA D 153 -39.47 -8.03 -9.46
C ALA D 153 -40.37 -8.68 -8.43
N ASN D 154 -39.73 -9.26 -7.40
CA ASN D 154 -40.39 -10.19 -6.48
C ASN D 154 -39.91 -9.93 -5.06
N CYS D 155 -40.70 -9.21 -4.29
CA CYS D 155 -40.34 -8.83 -2.93
C CYS D 155 -39.75 -9.98 -2.13
N LYS D 156 -40.32 -11.17 -2.30
CA LYS D 156 -39.92 -12.34 -1.53
C LYS D 156 -38.54 -12.81 -1.99
N VAL D 157 -38.33 -12.91 -3.30
CA VAL D 157 -37.01 -13.26 -3.81
C VAL D 157 -35.94 -12.33 -3.23
N GLU D 158 -36.29 -11.05 -3.13
CA GLU D 158 -35.34 -10.04 -2.72
C GLU D 158 -35.04 -10.16 -1.22
N SER D 159 -36.06 -10.05 -0.37
CA SER D 159 -35.91 -10.42 1.03
C SER D 159 -35.14 -11.73 1.24
N LEU D 160 -35.60 -12.80 0.61
CA LEU D 160 -34.93 -14.06 0.81
C LEU D 160 -33.45 -14.02 0.45
N ALA D 161 -33.06 -13.46 -0.69
CA ALA D 161 -31.63 -13.38 -1.04
C ALA D 161 -30.74 -12.54 -0.10
N MET D 162 -31.25 -11.39 0.33
CA MET D 162 -30.63 -10.69 1.43
C MET D 162 -30.36 -11.63 2.61
N PHE D 163 -31.40 -12.32 3.04
CA PHE D 163 -31.34 -13.30 4.13
C PHE D 163 -30.16 -14.24 4.02
N LEU D 164 -30.12 -14.94 2.90
CA LEU D 164 -29.03 -15.85 2.65
C LEU D 164 -27.73 -15.08 2.78
N GLY D 165 -27.65 -13.90 2.19
CA GLY D 165 -26.44 -13.08 2.23
C GLY D 165 -25.95 -12.79 3.64
N GLU D 166 -26.87 -12.44 4.54
CA GLU D 166 -26.53 -12.14 5.93
C GLU D 166 -26.04 -13.38 6.67
N LEU D 167 -26.60 -14.53 6.34
CA LEU D 167 -26.22 -15.76 7.02
C LEU D 167 -24.78 -16.03 6.70
N SER D 168 -24.38 -15.64 5.49
CA SER D 168 -23.02 -15.91 5.04
C SER D 168 -22.01 -15.15 5.89
N LEU D 169 -22.41 -14.01 6.46
CA LEU D 169 -21.48 -13.21 7.23
C LEU D 169 -21.01 -13.92 8.49
N ILE D 170 -21.89 -14.74 9.08
CA ILE D 170 -21.68 -15.40 10.36
C ILE D 170 -20.53 -16.40 10.37
N ASP D 171 -20.28 -17.07 9.24
CA ASP D 171 -19.35 -18.20 9.23
C ASP D 171 -18.12 -17.96 8.33
N ALA D 172 -17.04 -17.51 8.94
CA ALA D 172 -15.83 -17.22 8.20
C ALA D 172 -15.44 -18.52 7.53
N ASP D 173 -15.96 -19.58 8.11
CA ASP D 173 -15.25 -20.84 8.18
C ASP D 173 -15.42 -21.75 6.97
N PRO D 174 -16.35 -21.46 6.04
CA PRO D 174 -16.11 -21.37 4.59
C PRO D 174 -16.18 -20.04 3.79
N TYR D 175 -17.01 -19.08 4.19
CA TYR D 175 -17.34 -17.98 3.27
C TYR D 175 -16.25 -16.92 2.99
N LEU D 176 -15.34 -16.65 3.92
CA LEU D 176 -14.14 -15.89 3.58
C LEU D 176 -13.38 -16.39 2.34
N LYS D 177 -13.67 -17.60 1.94
CA LYS D 177 -13.15 -18.10 0.67
C LYS D 177 -13.72 -17.40 -0.56
N TYR D 178 -14.94 -16.88 -0.47
CA TYR D 178 -15.64 -16.33 -1.63
C TYR D 178 -15.73 -14.79 -1.67
N LEU D 179 -15.49 -14.21 -2.85
CA LEU D 179 -15.66 -12.77 -3.13
C LEU D 179 -17.11 -12.45 -2.96
N PRO D 180 -17.42 -11.24 -2.48
CA PRO D 180 -18.82 -10.87 -2.26
C PRO D 180 -19.67 -11.03 -3.53
N SER D 181 -19.13 -10.77 -4.72
CA SER D 181 -19.96 -10.84 -5.94
C SER D 181 -20.51 -12.26 -6.17
N VAL D 182 -19.77 -13.24 -5.68
CA VAL D 182 -20.07 -14.64 -5.94
C VAL D 182 -21.10 -15.09 -4.91
N ILE D 183 -20.96 -14.63 -3.68
CA ILE D 183 -21.94 -14.98 -2.66
C ILE D 183 -23.30 -14.38 -2.97
N ALA D 184 -23.30 -13.15 -3.43
CA ALA D 184 -24.56 -12.51 -3.80
C ALA D 184 -25.13 -13.24 -5.01
N GLY D 185 -24.26 -13.67 -5.92
CA GLY D 185 -24.70 -14.47 -7.04
C GLY D 185 -25.46 -15.69 -6.57
N ALA D 186 -24.71 -16.59 -5.92
CA ALA D 186 -25.25 -17.80 -5.33
C ALA D 186 -26.55 -17.51 -4.60
N ALA D 187 -26.53 -16.47 -3.77
CA ALA D 187 -27.68 -16.17 -2.93
C ALA D 187 -28.88 -15.79 -3.79
N PHE D 188 -28.62 -15.19 -4.93
CA PHE D 188 -29.68 -14.76 -5.81
C PHE D 188 -30.21 -15.99 -6.58
N HIS D 189 -29.34 -16.80 -7.16
CA HIS D 189 -29.86 -18.07 -7.65
C HIS D 189 -30.82 -18.73 -6.65
N LEU D 190 -30.29 -19.03 -5.47
CA LEU D 190 -31.02 -19.83 -4.49
C LEU D 190 -32.35 -19.21 -4.10
N ALA D 191 -32.45 -17.90 -4.09
CA ALA D 191 -33.71 -17.26 -3.70
C ALA D 191 -34.75 -17.30 -4.82
N LEU D 192 -34.26 -17.11 -6.04
CA LEU D 192 -35.07 -17.19 -7.26
C LEU D 192 -35.72 -18.58 -7.26
N TYR D 193 -34.84 -19.58 -7.30
CA TYR D 193 -35.24 -20.99 -7.33
C TYR D 193 -36.19 -21.37 -6.19
N THR D 194 -36.03 -20.77 -5.02
CA THR D 194 -36.81 -21.27 -3.92
C THR D 194 -38.21 -20.68 -3.98
N VAL D 195 -38.30 -19.48 -4.54
CA VAL D 195 -39.54 -18.74 -4.49
C VAL D 195 -40.34 -18.89 -5.78
N THR D 196 -39.67 -19.07 -6.92
CA THR D 196 -40.37 -19.16 -8.20
C THR D 196 -39.86 -20.25 -9.15
N GLY D 197 -38.87 -21.00 -8.72
CA GLY D 197 -38.33 -22.06 -9.55
C GLY D 197 -37.54 -21.46 -10.70
N GLN D 198 -37.35 -20.15 -10.67
CA GLN D 198 -36.47 -19.48 -11.63
C GLN D 198 -34.98 -19.62 -11.31
N SER D 199 -34.08 -19.10 -12.16
CA SER D 199 -32.68 -19.47 -12.15
C SER D 199 -31.73 -18.35 -12.70
N TRP D 200 -30.57 -18.17 -12.09
CA TRP D 200 -29.53 -17.24 -12.57
C TRP D 200 -29.77 -16.82 -14.03
N PRO D 201 -30.23 -15.59 -14.24
CA PRO D 201 -30.56 -15.10 -15.58
C PRO D 201 -29.37 -14.85 -16.49
N GLU D 202 -29.56 -15.09 -17.77
CA GLU D 202 -28.52 -14.88 -18.78
C GLU D 202 -28.04 -13.43 -18.89
N SER D 203 -28.90 -12.45 -18.75
CA SER D 203 -28.43 -11.08 -18.57
C SER D 203 -27.31 -11.02 -17.50
N LEU D 204 -27.50 -11.66 -16.35
CA LEU D 204 -26.48 -11.66 -15.29
C LEU D 204 -25.25 -12.50 -15.62
N ILE D 205 -25.43 -13.62 -16.32
CA ILE D 205 -24.31 -14.37 -16.91
C ILE D 205 -23.46 -13.54 -17.86
N ARG D 206 -24.09 -12.79 -18.76
CA ARG D 206 -23.33 -11.87 -19.64
C ARG D 206 -22.55 -10.79 -18.87
N LYS D 207 -23.20 -10.14 -17.91
CA LYS D 207 -22.65 -8.95 -17.24
C LYS D 207 -21.52 -9.37 -16.29
N THR D 208 -21.80 -10.35 -15.42
CA THR D 208 -20.85 -10.78 -14.39
C THR D 208 -19.83 -11.74 -14.97
N GLY D 209 -20.25 -12.50 -15.98
CA GLY D 209 -19.38 -13.49 -16.57
C GLY D 209 -19.26 -14.73 -15.70
N TYR D 210 -20.27 -14.92 -14.86
CA TYR D 210 -20.36 -16.12 -14.02
C TYR D 210 -21.45 -17.02 -14.61
N THR D 211 -21.06 -18.22 -15.04
CA THR D 211 -22.04 -19.29 -15.24
C THR D 211 -22.63 -19.75 -13.91
N LEU D 212 -23.88 -20.21 -13.95
CA LEU D 212 -24.41 -21.11 -12.92
C LEU D 212 -23.37 -22.13 -12.46
N GLU D 213 -22.66 -22.73 -13.41
CA GLU D 213 -21.68 -23.73 -13.08
C GLU D 213 -20.66 -23.11 -12.11
N SER D 214 -20.13 -21.95 -12.44
CA SER D 214 -19.02 -21.43 -11.63
C SER D 214 -19.48 -21.08 -10.22
N LEU D 215 -20.77 -20.80 -10.07
CA LEU D 215 -21.37 -20.64 -8.75
C LEU D 215 -21.57 -21.88 -7.90
N LYS D 216 -21.60 -23.07 -8.49
CA LYS D 216 -21.91 -24.30 -7.75
C LYS D 216 -21.23 -24.45 -6.36
N PRO D 217 -19.91 -24.40 -6.26
CA PRO D 217 -19.29 -24.56 -4.93
C PRO D 217 -19.94 -23.66 -3.85
N CYS D 218 -20.11 -22.39 -4.15
CA CYS D 218 -20.58 -21.43 -3.15
C CYS D 218 -22.06 -21.71 -2.86
N LEU D 219 -22.75 -22.01 -3.94
CA LEU D 219 -24.12 -22.51 -3.90
C LEU D 219 -24.31 -23.77 -3.06
N MET D 220 -23.42 -24.74 -3.23
CA MET D 220 -23.49 -25.95 -2.43
C MET D 220 -23.42 -25.56 -0.95
N ASP D 221 -22.32 -24.88 -0.61
CA ASP D 221 -22.13 -24.31 0.73
C ASP D 221 -23.35 -23.51 1.22
N LEU D 222 -23.86 -22.61 0.40
CA LEU D 222 -24.97 -21.76 0.83
C LEU D 222 -26.25 -22.54 1.11
N HIS D 223 -26.43 -23.62 0.36
CA HIS D 223 -27.63 -24.43 0.50
C HIS D 223 -27.65 -25.16 1.83
N GLN D 224 -26.61 -25.96 2.07
CA GLN D 224 -26.32 -26.50 3.42
C GLN D 224 -26.60 -25.43 4.49
N THR D 225 -25.94 -24.28 4.38
CA THR D 225 -26.16 -23.26 5.41
C THR D 225 -27.65 -22.99 5.53
N TYR D 226 -28.32 -22.77 4.39
CA TYR D 226 -29.76 -22.54 4.38
C TYR D 226 -30.50 -23.68 5.11
N LEU D 227 -30.15 -24.92 4.77
CA LEU D 227 -30.71 -26.09 5.45
C LEU D 227 -30.59 -26.02 6.97
N LYS D 228 -29.38 -25.79 7.48
CA LYS D 228 -29.06 -25.98 8.89
C LYS D 228 -29.38 -24.78 9.81
N ALA D 229 -29.90 -23.71 9.21
CA ALA D 229 -30.01 -22.44 9.92
C ALA D 229 -30.86 -22.55 11.17
N PRO D 230 -31.96 -23.29 11.14
CA PRO D 230 -32.86 -23.27 12.29
C PRO D 230 -32.26 -24.05 13.49
N GLN D 231 -31.14 -24.72 13.26
CA GLN D 231 -30.38 -25.37 14.32
C GLN D 231 -29.22 -24.50 14.82
N HIS D 232 -28.86 -23.47 14.06
CA HIS D 232 -27.52 -22.90 14.16
C HIS D 232 -27.45 -22.28 15.55
N ALA D 233 -26.25 -22.30 16.15
CA ALA D 233 -26.11 -21.71 17.47
C ALA D 233 -26.44 -20.22 17.45
N GLN D 234 -26.14 -19.57 16.33
CA GLN D 234 -26.55 -18.19 16.11
C GLN D 234 -27.90 -18.03 15.37
N GLN D 235 -28.75 -17.14 15.86
CA GLN D 235 -30.18 -17.12 15.51
C GLN D 235 -30.75 -15.71 15.35
N SER D 236 -29.93 -14.68 15.59
CA SER D 236 -30.40 -13.31 15.49
C SER D 236 -30.91 -12.92 14.10
N ILE D 237 -30.40 -13.58 13.07
CA ILE D 237 -30.78 -13.25 11.72
C ILE D 237 -32.18 -13.82 11.43
N ARG D 238 -32.38 -15.11 11.67
CA ARG D 238 -33.72 -15.69 11.59
C ARG D 238 -34.73 -14.87 12.40
N GLU D 239 -34.39 -14.40 13.58
CA GLU D 239 -35.36 -13.58 14.27
C GLU D 239 -35.69 -12.34 13.44
N LYS D 240 -34.66 -11.72 12.88
CA LYS D 240 -34.80 -10.44 12.18
C LYS D 240 -35.62 -10.71 10.91
N TYR D 241 -35.40 -11.86 10.26
CA TYR D 241 -36.07 -12.04 8.99
C TYR D 241 -37.45 -12.71 9.08
N LYS D 242 -38.14 -12.46 10.21
CA LYS D 242 -39.49 -12.96 10.44
C LYS D 242 -40.46 -11.80 10.36
N ASN D 243 -40.10 -10.67 10.97
CA ASN D 243 -40.76 -9.39 10.75
C ASN D 243 -41.51 -9.28 9.40
N SER D 244 -42.63 -8.57 9.43
CA SER D 244 -43.40 -8.32 8.20
C SER D 244 -42.59 -7.53 7.17
N LYS D 245 -41.95 -6.46 7.62
CA LYS D 245 -40.92 -5.78 6.80
C LYS D 245 -40.17 -6.64 5.78
N TYR D 246 -39.85 -7.88 6.11
CA TYR D 246 -39.16 -8.77 5.18
C TYR D 246 -39.99 -9.98 4.81
N HIS D 247 -41.32 -9.87 4.95
CA HIS D 247 -42.21 -10.83 4.31
C HIS D 247 -41.95 -12.23 4.89
N GLY D 248 -41.42 -12.26 6.12
CA GLY D 248 -41.38 -13.46 6.94
C GLY D 248 -40.61 -14.59 6.28
N VAL D 249 -39.61 -14.24 5.49
CA VAL D 249 -39.03 -15.20 4.57
C VAL D 249 -38.18 -16.24 5.31
N SER D 250 -37.83 -15.93 6.56
CA SER D 250 -37.09 -16.89 7.38
C SER D 250 -37.90 -18.11 7.87
N LEU D 251 -39.21 -18.01 7.93
CA LEU D 251 -40.13 -19.16 8.02
C LEU D 251 -40.23 -20.02 6.77
N LEU D 252 -40.00 -19.43 5.61
CA LEU D 252 -40.09 -20.20 4.36
C LEU D 252 -39.35 -21.51 4.47
N ASN D 253 -39.52 -22.39 3.49
CA ASN D 253 -39.01 -23.74 3.58
C ASN D 253 -38.00 -23.90 2.47
N PRO D 254 -36.75 -24.02 2.85
CA PRO D 254 -35.68 -24.25 1.86
C PRO D 254 -36.13 -25.35 0.97
N PRO D 255 -35.65 -25.42 -0.25
CA PRO D 255 -35.78 -26.63 -1.07
C PRO D 255 -34.88 -27.69 -0.47
N GLU D 256 -34.99 -28.95 -0.86
CA GLU D 256 -34.11 -30.00 -0.34
C GLU D 256 -33.03 -30.38 -1.35
N THR D 257 -33.20 -29.99 -2.60
CA THR D 257 -32.13 -30.17 -3.56
C THR D 257 -32.24 -29.09 -4.61
N LEU D 258 -31.37 -29.15 -5.61
CA LEU D 258 -31.00 -27.95 -6.34
C LEU D 258 -30.89 -28.16 -7.85
N ASN D 259 -30.22 -29.22 -8.28
CA ASN D 259 -30.44 -29.68 -9.65
C ASN D 259 -29.30 -29.32 -10.60
N LEU D 260 -28.09 -29.22 -10.06
CA LEU D 260 -27.00 -28.59 -10.78
C LEU D 260 -26.17 -29.64 -11.51
C ACE E 1 30.33 22.25 -4.41
O ACE E 1 30.90 21.67 -3.50
CH3 ACE E 1 31.12 23.34 -5.06
N ARG E 2 29.11 21.98 -4.89
CA ARG E 2 28.35 23.01 -5.58
C ARG E 2 26.90 23.08 -5.20
N ARG E 3 26.40 24.31 -5.09
CA ARG E 3 24.99 24.62 -5.30
C ARG E 3 24.61 24.45 -6.73
N LEU E 4 23.49 23.74 -6.95
CA LEU E 4 22.89 23.56 -8.26
C LEU E 4 21.95 24.65 -8.60
N ASN E 5 22.26 25.39 -9.65
CA ASN E 5 21.50 26.60 -9.86
C ASN E 5 20.38 26.32 -10.81
N FCL E 6 19.15 26.25 -10.32
CA FCL E 6 18.14 25.81 -11.27
C FCL E 6 17.31 26.89 -11.93
O FCL E 6 16.94 26.70 -13.07
CB FCL E 6 17.28 24.83 -10.47
CG FCL E 6 17.89 23.48 -10.66
CD1 FCL E 6 18.12 22.62 -9.61
CD2 FCL E 6 18.31 23.17 -11.94
CE1 FCL E 6 18.74 21.40 -9.87
CE2 FCL E 6 18.92 21.95 -12.20
CL1 FCL E 6 19.05 20.24 -8.55
CZ FCL E 6 19.16 21.06 -11.15
N NH2 E 7 17.04 28.02 -11.28
C ACE F 1 -26.76 -5.52 26.66
O ACE F 1 -27.30 -4.46 26.31
CH3 ACE F 1 -27.54 -6.51 27.48
N ARG F 2 -25.48 -5.86 26.39
CA ARG F 2 -24.81 -7.13 26.70
C ARG F 2 -23.29 -7.12 26.55
N ARG F 3 -22.59 -7.74 27.52
CA ARG F 3 -21.20 -8.17 27.41
C ARG F 3 -21.01 -9.52 26.79
N LEU F 4 -20.26 -9.63 25.70
CA LEU F 4 -20.20 -11.00 25.18
C LEU F 4 -19.21 -11.79 25.97
N ASN F 5 -19.56 -13.00 26.38
CA ASN F 5 -18.57 -13.76 27.13
C ASN F 5 -17.92 -14.77 26.26
N FCL F 6 -16.60 -14.95 26.40
CA FCL F 6 -15.86 -15.61 25.34
C FCL F 6 -15.14 -16.89 25.73
O FCL F 6 -15.29 -17.87 25.02
CB FCL F 6 -14.96 -14.52 24.78
CG FCL F 6 -15.59 -14.15 23.45
CD1 FCL F 6 -15.97 -12.88 23.02
CD2 FCL F 6 -15.91 -15.27 22.70
CE1 FCL F 6 -16.63 -12.80 21.79
CE2 FCL F 6 -16.54 -15.15 21.47
CL1 FCL F 6 -17.12 -11.22 21.13
CZ FCL F 6 -16.89 -13.90 21.01
N NH2 F 7 -14.38 -16.94 26.83
#